data_5UGT
#
_entry.id   5UGT
#
_cell.length_a   87.924
_cell.length_b   92.785
_cell.length_c   180.426
_cell.angle_alpha   90.00
_cell.angle_beta   97.26
_cell.angle_gamma   90.00
#
_symmetry.space_group_name_H-M   'I 1 2 1'
#
loop_
_entity.id
_entity.type
_entity.pdbx_description
1 polymer 'Enoyl-[acyl-carrier-protein] reductase [NADH]'
2 non-polymer NICOTINAMIDE-ADENINE-DINUCLEOTIDE
3 non-polymer 2-(2-chloranylphenoxy)-5-[(4-cyclopropyl-1,2,3-triazol-1-yl)methyl]phenol
4 water water
#
_entity_poly.entity_id   1
_entity_poly.type   'polypeptide(L)'
_entity_poly.pdbx_seq_one_letter_code
;MGSSHHHHHHSSGLVPRGSHMTGLLDGKRILVSGIITDSSIAFHIARVAQEQGAQLVLTGFDRLRLIQRITDRLPAKAPL
LELDVQNEEHLASLAGRVTEAIGAGNKLDGVVHSIGFMPQTGMGINPFFDAPYADVSKGIHISAYSYASMAKALLPIMNP
GGSIVGMDFDPSRAMPAYNWMTVAKSALESVNRFVAREAGKYGVRSNLVAAGPIRTLAMSAIVGGALGEEAGAQIQLLEE
GWDQRAPIGWNMKDATPVAKTVCALLSDWLPATTGDIIYADGGAHTQLL
;
_entity_poly.pdbx_strand_id   A,B,E,G
#
loop_
_chem_comp.id
_chem_comp.type
_chem_comp.name
_chem_comp.formula
NAD non-polymer NICOTINAMIDE-ADENINE-DINUCLEOTIDE 'C21 H27 N7 O14 P2'
XTW non-polymer 2-(2-chloranylphenoxy)-5-[(4-cyclopropyl-1,2,3-triazol-1-yl)methyl]phenol 'C18 H16 Cl N3 O2'
#
# COMPACT_ATOMS: atom_id res chain seq x y z
N THR A 22 -30.39 0.61 23.39
CA THR A 22 -29.39 1.56 23.95
C THR A 22 -27.98 1.11 23.59
N GLY A 23 -27.58 -0.08 24.01
CA GLY A 23 -26.22 -0.54 23.76
C GLY A 23 -25.95 -0.77 22.29
N LEU A 24 -24.78 -0.34 21.85
CA LEU A 24 -24.24 -0.67 20.54
C LEU A 24 -24.23 -2.15 20.27
N LEU A 25 -24.10 -2.99 21.29
CA LEU A 25 -24.08 -4.43 21.08
C LEU A 25 -25.20 -5.15 21.84
N ASP A 26 -26.39 -4.53 21.96
CA ASP A 26 -27.51 -5.16 22.71
C ASP A 26 -27.72 -6.61 22.31
N GLY A 27 -27.79 -7.44 23.35
CA GLY A 27 -27.95 -8.88 23.26
C GLY A 27 -27.08 -9.62 22.27
N LYS A 28 -25.85 -9.21 22.10
CA LYS A 28 -24.94 -9.98 21.24
C LYS A 28 -24.09 -10.88 22.11
N ARG A 29 -23.79 -12.08 21.63
CA ARG A 29 -22.94 -13.01 22.34
C ARG A 29 -21.58 -13.02 21.72
N ILE A 30 -20.58 -12.57 22.46
CA ILE A 30 -19.23 -12.37 21.93
C ILE A 30 -18.15 -13.07 22.75
N LEU A 31 -17.35 -13.94 22.14
CA LEU A 31 -16.18 -14.50 22.83
C LEU A 31 -15.04 -13.51 22.80
N VAL A 32 -14.34 -13.36 23.93
CA VAL A 32 -13.17 -12.48 24.05
C VAL A 32 -11.95 -13.17 24.65
N SER A 33 -10.97 -13.44 23.78
CA SER A 33 -9.73 -14.05 24.22
C SER A 33 -8.73 -12.97 24.61
N GLY A 34 -7.69 -13.38 25.34
CA GLY A 34 -6.46 -12.55 25.51
C GLY A 34 -6.35 -11.68 26.73
N ILE A 35 -7.22 -11.87 27.72
CA ILE A 35 -7.13 -11.16 28.99
C ILE A 35 -6.09 -11.86 29.88
N ILE A 36 -5.23 -11.03 30.50
CA ILE A 36 -4.23 -11.51 31.46
C ILE A 36 -4.01 -10.48 32.54
N THR A 37 -3.95 -9.19 32.23
CA THR A 37 -4.05 -8.19 33.27
C THR A 37 -5.17 -7.23 32.95
N ASP A 38 -5.42 -6.26 33.80
CA ASP A 38 -6.45 -5.24 33.51
C ASP A 38 -5.97 -4.12 32.62
N SER A 39 -4.71 -4.21 32.17
CA SER A 39 -4.16 -3.33 31.13
C SER A 39 -4.25 -3.97 29.78
N SER A 40 -4.44 -5.30 29.71
CA SER A 40 -4.66 -6.03 28.47
C SER A 40 -5.67 -5.33 27.57
N ILE A 41 -5.35 -5.28 26.27
CA ILE A 41 -6.30 -4.67 25.36
C ILE A 41 -7.60 -5.47 25.42
N ALA A 42 -7.49 -6.80 25.35
CA ALA A 42 -8.66 -7.70 25.60
C ALA A 42 -9.61 -7.24 26.72
N PHE A 43 -9.06 -6.89 27.88
CA PHE A 43 -9.88 -6.42 29.02
C PHE A 43 -10.73 -5.20 28.67
N HIS A 44 -10.10 -4.20 28.10
CA HIS A 44 -10.87 -3.00 27.76
C HIS A 44 -11.90 -3.27 26.66
N ILE A 45 -11.59 -4.17 25.72
CA ILE A 45 -12.56 -4.60 24.71
C ILE A 45 -13.79 -5.16 25.45
N ALA A 46 -13.54 -6.08 26.37
CA ALA A 46 -14.60 -6.70 27.14
C ALA A 46 -15.41 -5.68 27.96
N ARG A 47 -14.75 -4.76 28.63
CA ARG A 47 -15.43 -3.75 29.43
C ARG A 47 -16.37 -2.90 28.58
N VAL A 48 -15.91 -2.58 27.37
CA VAL A 48 -16.65 -1.68 26.52
C VAL A 48 -17.79 -2.47 25.90
N ALA A 49 -17.50 -3.71 25.47
CA ALA A 49 -18.56 -4.56 24.94
C ALA A 49 -19.68 -4.76 25.95
N GLN A 50 -19.30 -4.95 27.24
CA GLN A 50 -20.32 -5.09 28.28
C GLN A 50 -21.08 -3.80 28.54
N GLU A 51 -20.37 -2.68 28.64
CA GLU A 51 -21.06 -1.39 28.74
C GLU A 51 -22.10 -1.18 27.63
N GLN A 52 -21.87 -1.73 26.45
CA GLN A 52 -22.82 -1.66 25.34
C GLN A 52 -23.70 -2.93 25.20
N GLY A 53 -23.94 -3.64 26.30
CA GLY A 53 -24.98 -4.65 26.31
C GLY A 53 -24.65 -6.01 25.74
N ALA A 54 -23.37 -6.33 25.63
CA ALA A 54 -23.00 -7.65 25.13
C ALA A 54 -22.95 -8.62 26.30
N GLN A 55 -23.32 -9.87 26.07
CA GLN A 55 -23.05 -10.95 27.02
C GLN A 55 -21.85 -11.67 26.47
N LEU A 56 -20.79 -11.76 27.28
CA LEU A 56 -19.48 -12.26 26.88
C LEU A 56 -19.23 -13.66 27.29
N VAL A 57 -18.25 -14.28 26.64
CA VAL A 57 -17.62 -15.53 27.08
C VAL A 57 -16.12 -15.34 26.97
N LEU A 58 -15.40 -15.39 28.09
CA LEU A 58 -13.99 -15.02 28.13
C LEU A 58 -13.11 -16.25 27.92
N THR A 59 -11.97 -16.07 27.24
CA THR A 59 -10.92 -17.08 27.30
C THR A 59 -9.65 -16.50 27.88
N GLY A 60 -8.90 -17.44 28.48
CA GLY A 60 -7.70 -17.21 29.24
C GLY A 60 -6.77 -18.42 29.12
N PHE A 61 -5.47 -18.19 29.38
CA PHE A 61 -4.37 -19.12 29.10
C PHE A 61 -3.49 -19.29 30.35
N ASP A 62 -3.25 -20.55 30.77
CA ASP A 62 -2.22 -20.91 31.78
C ASP A 62 -2.56 -20.56 33.25
N ARG A 63 -2.68 -19.25 33.54
CA ARG A 63 -2.96 -18.69 34.88
C ARG A 63 -4.46 -18.34 35.06
N LEU A 64 -5.31 -19.37 35.02
CA LEU A 64 -6.75 -19.18 35.06
C LEU A 64 -7.28 -18.61 36.39
N ARG A 65 -6.65 -19.06 37.49
CA ARG A 65 -7.05 -18.57 38.78
C ARG A 65 -6.81 -17.04 38.83
N LEU A 66 -5.66 -16.61 38.30
CA LEU A 66 -5.22 -15.20 38.38
C LEU A 66 -6.03 -14.35 37.40
N ILE A 67 -6.35 -14.93 36.24
CA ILE A 67 -7.20 -14.26 35.24
C ILE A 67 -8.61 -14.01 35.80
N GLN A 68 -9.09 -14.94 36.62
CA GLN A 68 -10.43 -14.88 37.16
C GLN A 68 -10.58 -13.70 38.18
N ARG A 69 -9.55 -13.41 38.99
CA ARG A 69 -9.57 -12.20 39.85
C ARG A 69 -9.72 -10.98 38.96
N ILE A 70 -9.00 -10.99 37.82
CA ILE A 70 -8.99 -9.84 36.93
C ILE A 70 -10.36 -9.64 36.27
N THR A 71 -10.93 -10.71 35.73
CA THR A 71 -12.24 -10.61 35.11
C THR A 71 -13.37 -10.25 36.10
N ASP A 72 -13.24 -10.57 37.39
CA ASP A 72 -14.27 -10.16 38.37
C ASP A 72 -14.48 -8.61 38.40
N ARG A 73 -13.40 -7.88 38.09
CA ARG A 73 -13.43 -6.40 37.97
C ARG A 73 -14.13 -5.84 36.73
N LEU A 74 -14.49 -6.68 35.74
CA LEU A 74 -15.33 -6.24 34.62
C LEU A 74 -16.73 -5.88 35.10
N PRO A 75 -17.46 -5.03 34.34
CA PRO A 75 -18.79 -4.63 34.82
C PRO A 75 -19.78 -5.75 35.08
N ALA A 76 -19.66 -6.86 34.36
CA ALA A 76 -20.51 -8.03 34.55
C ALA A 76 -19.67 -9.30 34.65
N LYS A 77 -20.19 -10.31 35.36
CA LYS A 77 -19.57 -11.64 35.43
C LYS A 77 -19.71 -12.26 34.04
N ALA A 78 -18.77 -13.12 33.68
CA ALA A 78 -18.87 -13.84 32.40
C ALA A 78 -18.06 -15.11 32.45
N PRO A 79 -18.59 -16.21 31.93
CA PRO A 79 -17.88 -17.50 32.08
C PRO A 79 -16.49 -17.44 31.52
N LEU A 80 -15.55 -18.19 32.08
CA LEU A 80 -14.17 -18.16 31.67
C LEU A 80 -13.77 -19.55 31.23
N LEU A 81 -13.13 -19.68 30.07
CA LEU A 81 -12.76 -20.98 29.52
C LEU A 81 -11.28 -21.03 29.22
N GLU A 82 -10.66 -22.18 29.47
CA GLU A 82 -9.25 -22.32 29.24
C GLU A 82 -9.04 -22.57 27.75
N LEU A 83 -8.11 -21.81 27.16
CA LEU A 83 -7.77 -21.88 25.75
C LEU A 83 -6.31 -21.48 25.58
N ASP A 84 -5.49 -22.46 25.22
CA ASP A 84 -4.09 -22.31 24.93
C ASP A 84 -4.17 -22.63 23.47
N VAL A 85 -3.99 -21.63 22.59
CA VAL A 85 -4.16 -21.84 21.16
C VAL A 85 -3.20 -22.85 20.54
N GLN A 86 -2.21 -23.30 21.31
CA GLN A 86 -1.33 -24.40 20.89
C GLN A 86 -1.80 -25.83 21.24
N ASN A 87 -2.94 -25.93 21.89
CA ASN A 87 -3.42 -27.17 22.48
C ASN A 87 -4.50 -27.78 21.59
N GLU A 88 -4.06 -28.72 20.77
CA GLU A 88 -4.95 -29.55 20.02
C GLU A 88 -6.31 -29.72 20.66
N GLU A 89 -6.31 -30.35 21.83
CA GLU A 89 -7.54 -30.71 22.50
C GLU A 89 -8.38 -29.49 22.88
N HIS A 90 -7.77 -28.38 23.29
CA HIS A 90 -8.57 -27.22 23.69
C HIS A 90 -9.38 -26.66 22.53
N LEU A 91 -8.80 -26.63 21.34
CA LEU A 91 -9.49 -26.07 20.17
C LEU A 91 -10.60 -27.01 19.73
N ALA A 92 -10.27 -28.30 19.53
CA ALA A 92 -11.30 -29.35 19.27
C ALA A 92 -12.51 -29.27 20.21
N SER A 93 -12.24 -29.04 21.50
CA SER A 93 -13.27 -28.96 22.51
C SER A 93 -13.96 -27.60 22.59
N LEU A 94 -13.27 -26.52 22.24
CA LEU A 94 -13.76 -25.14 22.46
C LEU A 94 -15.20 -24.87 22.01
N ALA A 95 -15.50 -25.33 20.79
CA ALA A 95 -16.79 -25.12 20.16
C ALA A 95 -17.91 -25.57 21.10
N GLY A 96 -17.79 -26.81 21.61
CA GLY A 96 -18.78 -27.38 22.55
C GLY A 96 -18.81 -26.78 23.96
N ARG A 97 -17.64 -26.40 24.46
CA ARG A 97 -17.53 -25.75 25.78
C ARG A 97 -18.18 -24.38 25.77
N VAL A 98 -18.17 -23.72 24.60
CA VAL A 98 -18.83 -22.42 24.44
C VAL A 98 -20.33 -22.60 24.36
N THR A 99 -20.80 -23.53 23.51
CA THR A 99 -22.23 -23.80 23.35
C THR A 99 -22.89 -24.07 24.72
N GLU A 100 -22.18 -24.84 25.55
CA GLU A 100 -22.62 -25.15 26.92
C GLU A 100 -22.59 -23.96 27.90
N ALA A 101 -21.69 -23.02 27.69
CA ALA A 101 -21.62 -21.81 28.50
C ALA A 101 -22.72 -20.77 28.17
N ILE A 102 -23.20 -20.72 26.92
CA ILE A 102 -24.16 -19.69 26.46
C ILE A 102 -25.58 -20.16 26.26
N GLY A 103 -25.82 -21.46 26.37
CA GLY A 103 -27.12 -22.03 26.10
C GLY A 103 -27.11 -22.84 24.82
N ALA A 104 -27.51 -24.11 24.94
CA ALA A 104 -27.74 -25.02 23.81
C ALA A 104 -28.75 -24.38 22.88
N GLY A 105 -28.46 -24.44 21.58
CA GLY A 105 -29.30 -23.78 20.59
C GLY A 105 -29.01 -22.31 20.35
N ASN A 106 -28.06 -21.70 21.06
CA ASN A 106 -27.52 -20.39 20.72
C ASN A 106 -26.12 -20.44 20.07
N LYS A 107 -25.77 -19.30 19.49
CA LYS A 107 -24.55 -19.15 18.79
C LYS A 107 -23.92 -17.81 19.16
N LEU A 108 -22.69 -17.64 18.70
CA LEU A 108 -21.98 -16.40 18.89
C LEU A 108 -22.31 -15.47 17.76
N ASP A 109 -22.27 -14.17 18.05
CA ASP A 109 -22.32 -13.07 17.06
C ASP A 109 -20.95 -12.42 16.90
N GLY A 110 -20.02 -12.66 17.81
CA GLY A 110 -18.69 -12.06 17.76
C GLY A 110 -17.59 -12.91 18.34
N VAL A 111 -16.37 -12.74 17.85
CA VAL A 111 -15.16 -13.40 18.34
C VAL A 111 -13.96 -12.39 18.27
N VAL A 112 -13.25 -12.25 19.38
CA VAL A 112 -12.11 -11.32 19.48
C VAL A 112 -10.85 -12.10 19.79
N HIS A 113 -9.91 -12.09 18.87
CA HIS A 113 -8.60 -12.70 19.06
C HIS A 113 -7.65 -11.57 19.46
N SER A 114 -7.18 -11.64 20.70
CA SER A 114 -6.31 -10.63 21.26
C SER A 114 -5.12 -11.31 21.92
N ILE A 115 -4.40 -12.07 21.12
CA ILE A 115 -3.39 -12.99 21.54
C ILE A 115 -2.10 -12.83 20.76
N GLY A 116 -0.98 -12.87 21.47
CA GLY A 116 0.33 -12.86 20.85
C GLY A 116 1.40 -13.40 21.76
N PHE A 117 2.48 -13.83 21.15
CA PHE A 117 3.66 -14.25 21.89
C PHE A 117 4.87 -14.29 20.95
N MET A 118 6.04 -14.00 21.51
CA MET A 118 7.28 -14.23 20.80
C MET A 118 8.35 -14.41 21.86
N PRO A 119 9.14 -15.49 21.74
CA PRO A 119 10.31 -15.62 22.54
C PRO A 119 11.21 -14.38 22.55
N GLN A 120 11.94 -14.25 23.65
CA GLN A 120 12.91 -13.19 23.86
C GLN A 120 13.92 -13.04 22.78
N THR A 121 14.30 -14.17 22.17
CA THR A 121 15.29 -14.20 21.10
C THR A 121 14.86 -13.48 19.83
N GLY A 122 13.57 -13.35 19.61
CA GLY A 122 13.06 -12.73 18.41
C GLY A 122 12.67 -11.28 18.51
N MET A 123 13.34 -10.54 19.38
CA MET A 123 12.76 -9.31 19.87
C MET A 123 13.71 -8.47 20.67
N GLY A 124 13.53 -7.15 20.61
CA GLY A 124 14.39 -6.20 21.30
C GLY A 124 15.83 -6.15 20.80
N ILE A 125 16.79 -6.03 21.73
CA ILE A 125 18.20 -5.98 21.38
C ILE A 125 18.85 -7.26 20.85
N ASN A 126 18.14 -8.37 20.87
CA ASN A 126 18.73 -9.64 20.48
C ASN A 126 18.78 -9.68 18.97
N PRO A 127 19.98 -9.88 18.39
CA PRO A 127 20.11 -9.76 16.95
C PRO A 127 19.05 -10.52 16.19
N PHE A 128 18.56 -9.89 15.13
CA PHE A 128 17.50 -10.47 14.32
C PHE A 128 17.97 -11.81 13.75
N PHE A 129 19.24 -11.85 13.35
CA PHE A 129 19.81 -13.07 12.80
C PHE A 129 19.93 -14.22 13.81
N ASP A 130 19.89 -13.91 15.12
CA ASP A 130 20.17 -14.93 16.13
C ASP A 130 18.90 -15.67 16.62
N ALA A 131 17.71 -15.27 16.20
CA ALA A 131 16.54 -16.00 16.62
C ALA A 131 16.49 -17.36 15.91
N PRO A 132 16.54 -18.46 16.65
CA PRO A 132 16.40 -19.74 15.95
C PRO A 132 14.95 -19.96 15.53
N TYR A 133 14.76 -20.67 14.42
CA TYR A 133 13.41 -20.91 13.90
C TYR A 133 12.46 -21.59 14.90
N ALA A 134 12.98 -22.43 15.80
CA ALA A 134 12.09 -23.07 16.78
C ALA A 134 11.29 -21.98 17.48
N ASP A 135 12.02 -20.91 17.85
CA ASP A 135 11.44 -19.79 18.61
C ASP A 135 10.54 -18.92 17.73
N VAL A 136 10.96 -18.63 16.49
CA VAL A 136 10.12 -17.85 15.60
C VAL A 136 8.84 -18.57 15.32
N SER A 137 8.97 -19.85 14.96
CA SER A 137 7.81 -20.75 14.73
C SER A 137 6.77 -20.74 15.84
N LYS A 138 7.25 -20.76 17.09
CA LYS A 138 6.36 -20.68 18.25
C LYS A 138 5.56 -19.38 18.23
N GLY A 139 6.25 -18.27 17.97
CA GLY A 139 5.59 -16.99 17.85
C GLY A 139 4.55 -16.90 16.73
N ILE A 140 4.93 -17.39 15.55
CA ILE A 140 4.01 -17.44 14.44
C ILE A 140 2.79 -18.32 14.74
N HIS A 141 3.05 -19.48 15.39
CA HIS A 141 1.96 -20.35 15.80
C HIS A 141 0.99 -19.54 16.65
N ILE A 142 1.49 -18.93 17.72
CA ILE A 142 0.59 -18.33 18.68
C ILE A 142 -0.05 -17.06 18.15
N SER A 143 0.73 -16.24 17.42
CA SER A 143 0.30 -14.89 17.06
C SER A 143 -0.46 -14.76 15.76
N ALA A 144 -0.31 -15.75 14.85
CA ALA A 144 -0.87 -15.69 13.48
C ALA A 144 -1.72 -16.88 13.09
N TYR A 145 -1.14 -18.08 13.18
CA TYR A 145 -1.88 -19.30 12.83
C TYR A 145 -3.10 -19.46 13.70
N SER A 146 -2.96 -19.11 14.96
CA SER A 146 -4.07 -19.27 15.88
C SER A 146 -5.32 -18.52 15.46
N TYR A 147 -5.16 -17.41 14.73
CA TYR A 147 -6.33 -16.66 14.24
C TYR A 147 -7.17 -17.57 13.34
N ALA A 148 -6.50 -18.40 12.53
CA ALA A 148 -7.18 -19.38 11.67
C ALA A 148 -7.79 -20.52 12.47
N SER A 149 -7.03 -21.08 13.42
CA SER A 149 -7.54 -22.19 14.21
C SER A 149 -8.67 -21.74 15.13
N MET A 150 -8.66 -20.51 15.63
CA MET A 150 -9.83 -19.99 16.37
C MET A 150 -11.05 -19.85 15.49
N ALA A 151 -10.86 -19.28 14.31
CA ALA A 151 -11.94 -19.13 13.31
C ALA A 151 -12.55 -20.50 12.89
N LYS A 152 -11.68 -21.50 12.69
CA LYS A 152 -12.12 -22.86 12.40
C LYS A 152 -13.00 -23.43 13.49
N ALA A 153 -12.58 -23.26 14.74
CA ALA A 153 -13.29 -23.84 15.88
C ALA A 153 -14.64 -23.21 16.10
N LEU A 154 -14.75 -21.92 15.78
CA LEU A 154 -15.88 -21.08 16.19
C LEU A 154 -16.92 -20.75 15.08
N LEU A 155 -16.50 -20.70 13.81
CA LEU A 155 -17.49 -20.41 12.75
C LEU A 155 -18.75 -21.32 12.74
N PRO A 156 -18.58 -22.63 12.93
CA PRO A 156 -19.78 -23.47 13.02
C PRO A 156 -20.84 -23.03 14.06
N ILE A 157 -20.42 -22.33 15.11
CA ILE A 157 -21.39 -21.78 16.11
C ILE A 157 -21.50 -20.25 16.04
N MET A 158 -21.37 -19.70 14.84
CA MET A 158 -21.55 -18.24 14.65
C MET A 158 -22.79 -17.96 13.77
N ASN A 159 -23.55 -16.93 14.16
CA ASN A 159 -24.69 -16.47 13.37
C ASN A 159 -24.28 -15.66 12.18
N PRO A 160 -25.13 -15.67 11.12
CA PRO A 160 -24.91 -14.74 10.03
C PRO A 160 -24.97 -13.32 10.54
N GLY A 161 -24.14 -12.45 9.97
CA GLY A 161 -24.05 -11.07 10.43
C GLY A 161 -22.88 -10.84 11.35
N GLY A 162 -22.42 -11.89 12.04
CA GLY A 162 -21.44 -11.76 13.10
C GLY A 162 -20.06 -11.37 12.65
N SER A 163 -19.18 -11.05 13.59
CA SER A 163 -17.84 -10.52 13.30
C SER A 163 -16.74 -11.22 14.10
N ILE A 164 -15.71 -11.70 13.38
CA ILE A 164 -14.40 -12.06 13.96
C ILE A 164 -13.46 -10.83 13.85
N VAL A 165 -12.80 -10.51 14.97
CA VAL A 165 -11.81 -9.41 15.04
C VAL A 165 -10.50 -9.78 15.76
N GLY A 166 -9.38 -9.36 15.18
CA GLY A 166 -8.06 -9.66 15.72
C GLY A 166 -7.21 -8.42 15.82
N MET A 167 -6.07 -8.50 16.53
CA MET A 167 -5.29 -7.30 16.84
C MET A 167 -3.97 -7.32 16.13
N ASP A 168 -3.68 -6.20 15.48
CA ASP A 168 -2.56 -6.08 14.57
C ASP A 168 -1.71 -4.91 15.02
N PHE A 169 -0.42 -4.95 14.67
CA PHE A 169 0.43 -3.75 14.79
C PHE A 169 1.12 -3.50 13.46
N ASP A 170 0.94 -2.33 12.90
CA ASP A 170 1.28 -2.09 11.49
C ASP A 170 2.65 -2.64 11.11
N PRO A 171 2.72 -3.75 10.33
CA PRO A 171 4.02 -4.34 9.96
C PRO A 171 4.57 -4.01 8.55
N SER A 172 3.86 -3.12 7.87
CA SER A 172 4.24 -2.75 6.50
C SER A 172 5.61 -2.18 6.28
N ARG A 173 6.17 -1.56 7.32
CA ARG A 173 7.56 -1.11 7.32
C ARG A 173 8.25 -1.77 8.49
N ALA A 174 9.54 -2.08 8.31
CA ALA A 174 10.42 -2.58 9.40
C ALA A 174 10.71 -1.48 10.37
N MET A 175 11.01 -1.82 11.60
CA MET A 175 11.24 -0.88 12.70
C MET A 175 12.21 -1.47 13.69
N PRO A 176 12.85 -0.65 14.53
CA PRO A 176 13.72 -1.34 15.48
C PRO A 176 12.92 -2.12 16.52
N ALA A 177 13.55 -3.14 17.10
CA ALA A 177 13.02 -3.96 18.27
C ALA A 177 11.89 -4.96 17.96
N TYR A 178 10.87 -4.55 17.21
CA TYR A 178 9.69 -5.39 17.02
C TYR A 178 10.09 -6.66 16.26
N ASN A 179 11.18 -6.55 15.48
CA ASN A 179 11.83 -7.74 14.93
C ASN A 179 10.87 -8.85 14.46
N TRP A 180 11.02 -10.08 14.95
CA TRP A 180 10.26 -11.20 14.43
C TRP A 180 8.78 -11.13 14.82
N MET A 181 8.37 -10.33 15.79
CA MET A 181 6.94 -10.09 15.90
C MET A 181 6.36 -9.35 14.69
N THR A 182 7.12 -8.40 14.14
CA THR A 182 6.75 -7.75 12.90
C THR A 182 6.37 -8.78 11.83
N VAL A 183 7.21 -9.80 11.68
CA VAL A 183 6.99 -10.86 10.70
C VAL A 183 5.71 -11.64 11.01
N ALA A 184 5.48 -11.96 12.29
CA ALA A 184 4.24 -12.57 12.68
C ALA A 184 2.97 -11.75 12.32
N LYS A 185 3.05 -10.44 12.52
CA LYS A 185 1.92 -9.58 12.16
C LYS A 185 1.74 -9.53 10.62
N SER A 186 2.84 -9.52 9.85
CA SER A 186 2.69 -9.54 8.41
C SER A 186 1.94 -10.84 8.00
N ALA A 187 2.27 -11.95 8.69
CA ALA A 187 1.61 -13.21 8.44
C ALA A 187 0.16 -13.16 8.85
N LEU A 188 -0.10 -12.59 10.02
CA LEU A 188 -1.45 -12.47 10.51
C LEU A 188 -2.32 -11.70 9.53
N GLU A 189 -1.75 -10.68 8.90
CA GLU A 189 -2.54 -9.85 8.01
C GLU A 189 -3.02 -10.66 6.84
N SER A 190 -2.17 -11.59 6.38
CA SER A 190 -2.50 -12.48 5.24
C SER A 190 -3.48 -13.55 5.72
N VAL A 191 -3.23 -14.08 6.90
CA VAL A 191 -4.13 -15.09 7.46
C VAL A 191 -5.56 -14.53 7.53
N ASN A 192 -5.65 -13.25 7.89
CA ASN A 192 -6.96 -12.64 8.06
C ASN A 192 -7.73 -12.60 6.74
N ARG A 193 -7.05 -12.34 5.65
CA ARG A 193 -7.72 -12.30 4.39
C ARG A 193 -8.24 -13.64 3.97
N PHE A 194 -7.54 -14.71 4.33
CA PHE A 194 -8.03 -16.07 4.03
C PHE A 194 -9.23 -16.47 4.93
N VAL A 195 -9.16 -16.10 6.20
CA VAL A 195 -10.25 -16.35 7.15
C VAL A 195 -11.51 -15.66 6.63
N ALA A 196 -11.36 -14.46 6.10
CA ALA A 196 -12.52 -13.72 5.59
C ALA A 196 -13.27 -14.44 4.52
N ARG A 197 -12.53 -15.15 3.67
CA ARG A 197 -13.13 -16.02 2.66
C ARG A 197 -13.95 -17.16 3.21
N GLU A 198 -13.38 -17.87 4.18
CA GLU A 198 -14.07 -18.96 4.83
C GLU A 198 -15.25 -18.39 5.63
N ALA A 199 -15.02 -17.34 6.39
CA ALA A 199 -16.05 -16.72 7.23
C ALA A 199 -17.23 -16.21 6.40
N GLY A 200 -16.93 -15.80 5.17
CA GLY A 200 -17.88 -15.33 4.19
C GLY A 200 -18.98 -16.31 3.92
N LYS A 201 -18.65 -17.61 3.86
CA LYS A 201 -19.65 -18.67 3.65
C LYS A 201 -20.74 -18.68 4.70
N TYR A 202 -20.42 -18.18 5.90
CA TYR A 202 -21.33 -18.11 7.02
C TYR A 202 -21.98 -16.74 7.18
N GLY A 203 -21.72 -15.78 6.31
CA GLY A 203 -22.22 -14.42 6.49
C GLY A 203 -21.45 -13.64 7.56
N VAL A 204 -20.18 -14.04 7.77
CA VAL A 204 -19.33 -13.51 8.82
C VAL A 204 -18.14 -12.70 8.30
N ARG A 205 -17.91 -11.59 8.98
CA ARG A 205 -16.79 -10.73 8.68
C ARG A 205 -15.58 -11.13 9.52
N SER A 206 -14.40 -10.85 8.97
CA SER A 206 -13.12 -11.02 9.66
C SER A 206 -12.24 -9.81 9.38
N ASN A 207 -11.80 -9.12 10.43
CA ASN A 207 -10.98 -7.92 10.27
C ASN A 207 -9.96 -7.83 11.38
N LEU A 208 -8.95 -7.01 11.21
CA LEU A 208 -7.98 -6.77 12.23
C LEU A 208 -8.11 -5.32 12.60
N VAL A 209 -7.88 -5.00 13.88
CA VAL A 209 -7.60 -3.60 14.25
C VAL A 209 -6.10 -3.36 14.44
N ALA A 210 -5.59 -2.35 13.78
CA ALA A 210 -4.19 -2.09 13.88
C ALA A 210 -4.11 -0.96 14.88
N ALA A 211 -3.77 -1.26 16.12
CA ALA A 211 -3.73 -0.23 17.18
C ALA A 211 -2.40 0.43 17.24
N GLY A 212 -2.45 1.66 17.70
CA GLY A 212 -1.22 2.33 18.21
C GLY A 212 -0.77 1.70 19.51
N PRO A 213 0.38 2.10 20.04
CA PRO A 213 0.89 1.46 21.24
C PRO A 213 0.06 1.71 22.52
N ILE A 214 0.01 0.69 23.36
CA ILE A 214 -0.70 0.73 24.64
C ILE A 214 0.16 0.07 25.75
N ARG A 215 0.37 0.75 26.92
CA ARG A 215 1.02 0.11 28.11
C ARG A 215 0.22 -1.11 28.57
N THR A 216 0.72 -2.24 28.13
CA THR A 216 0.20 -3.54 28.47
C THR A 216 1.37 -4.40 28.91
N LEU A 217 1.04 -5.56 29.48
CA LEU A 217 2.07 -6.44 29.92
C LEU A 217 3.01 -6.81 28.79
N ALA A 218 2.46 -7.15 27.62
CA ALA A 218 3.28 -7.62 26.52
C ALA A 218 4.20 -6.51 26.04
N MET A 219 3.75 -5.26 26.09
CA MET A 219 4.65 -4.17 25.74
C MET A 219 5.90 -4.15 26.62
N SER A 220 5.69 -4.27 27.94
CA SER A 220 6.69 -4.04 28.94
C SER A 220 7.61 -5.21 28.99
N ALA A 221 7.12 -6.33 29.51
CA ALA A 221 8.02 -7.48 29.86
C ALA A 221 8.55 -8.18 28.58
N ILE A 222 7.77 -8.19 27.48
CA ILE A 222 8.33 -8.82 26.26
C ILE A 222 9.11 -7.82 25.45
N VAL A 223 8.81 -6.50 25.49
CA VAL A 223 9.50 -5.54 24.60
C VAL A 223 10.42 -4.61 25.44
N GLY A 224 9.86 -3.70 26.27
CA GLY A 224 10.68 -2.90 27.27
C GLY A 224 11.75 -3.70 28.09
N GLY A 225 11.37 -4.89 28.51
CA GLY A 225 12.28 -5.84 29.12
C GLY A 225 12.94 -6.74 28.10
N ALA A 226 12.78 -6.49 26.80
CA ALA A 226 13.59 -7.15 25.74
C ALA A 226 14.81 -6.34 25.45
N LEU A 227 14.99 -5.25 26.22
CA LEU A 227 16.21 -4.45 26.23
C LEU A 227 16.95 -4.16 27.61
N GLY A 228 16.24 -3.90 28.73
CA GLY A 228 16.92 -3.62 30.03
C GLY A 228 17.70 -2.30 30.16
N GLU A 229 18.99 -2.29 29.74
CA GLU A 229 19.94 -1.13 29.92
C GLU A 229 19.98 -0.05 28.79
N GLU A 230 20.75 -0.25 27.69
CA GLU A 230 20.66 0.65 26.46
C GLU A 230 19.36 0.32 25.66
N ALA A 231 18.28 0.50 26.41
CA ALA A 231 17.07 -0.36 26.41
C ALA A 231 15.74 0.35 26.20
N GLY A 232 14.70 -0.02 27.01
CA GLY A 232 13.33 0.49 27.00
C GLY A 232 13.02 1.98 26.92
N ALA A 233 14.04 2.83 26.95
CA ALA A 233 13.86 4.21 26.54
C ALA A 233 14.01 4.38 25.01
N GLN A 234 14.67 3.44 24.31
CA GLN A 234 14.66 3.47 22.84
C GLN A 234 13.35 3.02 22.15
N ILE A 235 12.59 2.19 22.85
CA ILE A 235 11.14 2.06 22.63
C ILE A 235 10.65 3.52 22.60
N GLN A 236 10.67 4.27 23.70
CA GLN A 236 10.14 5.68 23.77
C GLN A 236 10.22 6.55 22.54
N LEU A 237 11.38 6.67 21.85
CA LEU A 237 11.44 7.56 20.65
C LEU A 237 10.49 7.07 19.56
N LEU A 238 10.58 5.76 19.29
CA LEU A 238 9.73 5.12 18.31
C LEU A 238 8.24 5.29 18.62
N GLU A 239 7.86 5.27 19.89
CA GLU A 239 6.49 5.46 20.21
C GLU A 239 6.01 6.86 20.11
N GLU A 240 6.92 7.84 20.09
CA GLU A 240 6.51 9.18 19.65
C GLU A 240 6.56 9.39 18.13
N GLY A 241 7.09 8.42 17.33
CA GLY A 241 6.61 8.12 15.91
C GLY A 241 5.09 7.62 15.73
N TRP A 242 4.29 7.83 16.86
CA TRP A 242 2.85 7.87 16.91
C TRP A 242 2.25 9.18 17.45
N ASP A 243 2.47 9.54 18.72
CA ASP A 243 1.79 10.75 19.22
C ASP A 243 2.10 11.99 18.34
N GLN A 244 3.36 12.11 17.90
CA GLN A 244 3.80 13.24 17.01
C GLN A 244 3.04 13.26 15.72
N ARG A 245 3.10 12.12 15.02
CA ARG A 245 2.51 11.96 13.69
C ARG A 245 0.98 12.05 13.69
N ALA A 246 0.36 11.54 14.75
CA ALA A 246 -1.11 11.48 14.86
C ALA A 246 -1.77 12.82 14.80
N PRO A 247 -2.61 13.08 13.79
CA PRO A 247 -3.20 14.40 13.74
C PRO A 247 -4.11 14.72 14.91
N ILE A 248 -4.67 13.70 15.54
CA ILE A 248 -5.49 13.88 16.73
C ILE A 248 -4.79 13.32 17.97
N GLY A 249 -3.51 13.00 17.88
CA GLY A 249 -2.71 12.51 18.99
C GLY A 249 -2.96 11.07 19.44
N TRP A 250 -2.05 10.59 20.27
CA TRP A 250 -2.08 9.24 20.74
C TRP A 250 -1.64 9.16 22.19
N ASN A 251 -2.45 8.44 22.95
CA ASN A 251 -2.23 8.30 24.35
C ASN A 251 -1.98 6.84 24.69
N MET A 252 -0.72 6.49 24.96
CA MET A 252 -0.39 5.13 25.20
C MET A 252 -1.07 4.50 26.46
N LYS A 253 -1.67 5.32 27.32
CA LYS A 253 -2.28 4.79 28.54
C LYS A 253 -3.77 4.56 28.44
N ASP A 254 -4.34 4.86 27.26
CA ASP A 254 -5.79 4.85 27.06
C ASP A 254 -6.16 3.84 26.02
N ALA A 255 -6.62 2.68 26.46
CA ALA A 255 -7.07 1.68 25.52
C ALA A 255 -8.53 1.89 25.08
N THR A 256 -9.26 2.82 25.68
CA THR A 256 -10.66 3.00 25.31
C THR A 256 -10.81 3.13 23.76
N PRO A 257 -10.12 4.12 23.11
CA PRO A 257 -10.25 4.28 21.68
C PRO A 257 -10.02 3.01 20.85
N VAL A 258 -9.06 2.20 21.24
CA VAL A 258 -8.87 0.91 20.59
C VAL A 258 -10.08 -0.04 20.86
N ALA A 259 -10.50 -0.15 22.12
CA ALA A 259 -11.60 -1.03 22.45
C ALA A 259 -12.88 -0.65 21.72
N LYS A 260 -13.12 0.65 21.56
CA LYS A 260 -14.30 1.14 20.89
C LYS A 260 -14.20 0.77 19.41
N THR A 261 -13.03 1.01 18.81
CA THR A 261 -12.82 0.68 17.42
C THR A 261 -13.13 -0.81 17.22
N VAL A 262 -12.69 -1.70 18.11
CA VAL A 262 -13.01 -3.15 17.96
C VAL A 262 -14.53 -3.40 18.05
N CYS A 263 -15.17 -2.78 19.03
CA CYS A 263 -16.60 -2.89 19.16
C CYS A 263 -17.35 -2.44 17.90
N ALA A 264 -16.83 -1.43 17.24
CA ALA A 264 -17.40 -0.94 16.00
C ALA A 264 -17.44 -2.10 15.01
N LEU A 265 -16.34 -2.82 14.86
CA LEU A 265 -16.34 -4.01 13.99
C LEU A 265 -17.23 -5.18 14.45
N LEU A 266 -17.44 -5.29 15.75
CA LEU A 266 -18.36 -6.27 16.28
C LEU A 266 -19.80 -5.87 16.02
N SER A 267 -20.04 -4.58 15.89
CA SER A 267 -21.38 -4.05 15.70
C SER A 267 -21.93 -4.29 14.31
N ASP A 268 -23.18 -3.92 14.10
CA ASP A 268 -23.77 -3.95 12.77
C ASP A 268 -23.38 -2.80 11.87
N TRP A 269 -22.46 -1.92 12.29
CA TRP A 269 -22.22 -0.65 11.61
C TRP A 269 -21.04 -0.61 10.70
N LEU A 270 -20.35 -1.74 10.54
CA LEU A 270 -19.37 -1.86 9.45
C LEU A 270 -19.64 -3.10 8.63
N PRO A 271 -20.87 -3.25 8.14
CA PRO A 271 -21.30 -4.52 7.58
C PRO A 271 -20.72 -4.89 6.22
N ALA A 272 -19.94 -4.01 5.62
CA ALA A 272 -19.45 -4.23 4.29
C ALA A 272 -17.93 -4.26 4.25
N THR A 273 -17.30 -4.54 5.38
CA THR A 273 -15.86 -4.49 5.51
C THR A 273 -15.40 -5.86 6.07
N THR A 274 -14.66 -6.62 5.25
CA THR A 274 -14.14 -7.93 5.67
C THR A 274 -12.81 -8.10 4.96
N GLY A 275 -11.93 -8.91 5.57
CA GLY A 275 -10.59 -9.18 5.05
C GLY A 275 -9.67 -8.03 5.27
N ASP A 276 -10.09 -7.10 6.14
CA ASP A 276 -9.51 -5.76 6.06
C ASP A 276 -8.86 -5.39 7.38
N ILE A 277 -8.27 -4.17 7.40
CA ILE A 277 -7.52 -3.66 8.52
C ILE A 277 -8.00 -2.25 8.80
N ILE A 278 -8.37 -2.01 10.07
CA ILE A 278 -8.78 -0.70 10.56
C ILE A 278 -7.77 -0.18 11.55
N TYR A 279 -7.27 1.02 11.24
CA TYR A 279 -6.21 1.64 11.98
C TYR A 279 -6.87 2.49 13.08
N ALA A 280 -6.70 2.02 14.32
CA ALA A 280 -6.98 2.82 15.51
C ALA A 280 -5.65 3.29 16.09
N ASP A 281 -5.03 4.27 15.39
CA ASP A 281 -3.72 4.75 15.74
C ASP A 281 -3.58 6.25 15.71
N GLY A 282 -4.70 6.95 15.92
CA GLY A 282 -4.72 8.41 15.89
C GLY A 282 -4.34 8.99 14.55
N GLY A 283 -4.40 8.16 13.50
CA GLY A 283 -4.01 8.56 12.17
C GLY A 283 -2.54 8.52 11.86
N ALA A 284 -1.73 8.05 12.82
CA ALA A 284 -0.29 8.12 12.64
C ALA A 284 0.22 7.47 11.38
N HIS A 285 -0.39 6.38 10.93
CA HIS A 285 0.15 5.68 9.78
C HIS A 285 -0.06 6.42 8.45
N THR A 286 -0.89 7.45 8.46
CA THR A 286 -1.19 8.28 7.29
C THR A 286 -0.24 9.49 7.16
N GLN A 287 0.64 9.64 8.13
CA GLN A 287 1.50 10.79 8.22
C GLN A 287 2.98 10.33 8.29
N LEU A 288 3.80 10.93 7.43
CA LEU A 288 5.21 10.66 7.38
C LEU A 288 5.89 11.47 8.40
N LEU A 289 5.39 12.69 8.64
CA LEU A 289 5.83 13.49 9.74
C LEU A 289 4.75 14.47 10.24
N THR B 22 31.40 -5.44 -21.39
CA THR B 22 30.15 -5.79 -22.08
C THR B 22 29.07 -6.20 -21.09
N GLY B 23 29.35 -7.23 -20.28
CA GLY B 23 28.31 -7.80 -19.46
C GLY B 23 27.84 -6.84 -18.37
N LEU B 24 26.51 -6.82 -18.17
CA LEU B 24 25.90 -6.16 -17.04
C LEU B 24 26.49 -6.57 -15.72
N LEU B 25 27.01 -7.80 -15.60
CA LEU B 25 27.59 -8.25 -14.34
C LEU B 25 29.05 -8.65 -14.48
N ASP B 26 29.83 -7.95 -15.32
CA ASP B 26 31.27 -8.31 -15.53
C ASP B 26 31.99 -8.51 -14.20
N GLY B 27 32.68 -9.65 -14.15
CA GLY B 27 33.43 -10.14 -13.00
C GLY B 27 32.76 -10.05 -11.65
N LYS B 28 31.46 -10.30 -11.58
CA LYS B 28 30.80 -10.36 -10.29
C LYS B 28 30.68 -11.81 -9.87
N ARG B 29 30.81 -12.05 -8.56
CA ARG B 29 30.69 -13.39 -8.01
C ARG B 29 29.35 -13.50 -7.32
N ILE B 30 28.48 -14.35 -7.87
CA ILE B 30 27.10 -14.44 -7.41
C ILE B 30 26.66 -15.87 -7.05
N LEU B 31 26.21 -16.08 -5.83
CA LEU B 31 25.58 -17.37 -5.47
C LEU B 31 24.15 -17.44 -5.96
N VAL B 32 23.78 -18.59 -6.54
CA VAL B 32 22.40 -18.82 -7.02
C VAL B 32 21.77 -20.12 -6.51
N SER B 33 20.82 -19.95 -5.59
CA SER B 33 20.10 -21.08 -5.03
C SER B 33 18.86 -21.37 -5.88
N GLY B 34 18.31 -22.58 -5.72
CA GLY B 34 16.95 -22.90 -6.12
C GLY B 34 16.71 -23.54 -7.47
N ILE B 35 17.79 -24.04 -8.07
CA ILE B 35 17.67 -24.78 -9.33
C ILE B 35 17.27 -26.23 -9.01
N ILE B 36 16.34 -26.77 -9.81
CA ILE B 36 15.95 -28.19 -9.73
C ILE B 36 15.60 -28.73 -11.09
N THR B 37 14.91 -27.99 -11.95
CA THR B 37 14.83 -28.38 -13.34
C THR B 37 15.27 -27.22 -14.20
N ASP B 38 15.26 -27.39 -15.53
CA ASP B 38 15.65 -26.29 -16.42
C ASP B 38 14.51 -25.32 -16.72
N SER B 39 13.35 -25.53 -16.06
CA SER B 39 12.26 -24.57 -16.06
C SER B 39 12.32 -23.68 -14.84
N SER B 40 13.07 -24.09 -13.81
CA SER B 40 13.25 -23.31 -12.58
C SER B 40 13.54 -21.85 -12.84
N ILE B 41 12.92 -20.95 -12.09
CA ILE B 41 13.26 -19.53 -12.27
C ILE B 41 14.75 -19.36 -11.99
N ALA B 42 15.21 -19.92 -10.87
CA ALA B 42 16.67 -19.97 -10.57
C ALA B 42 17.59 -20.27 -11.79
N PHE B 43 17.23 -21.29 -12.58
CA PHE B 43 18.01 -21.66 -13.77
C PHE B 43 18.14 -20.50 -14.76
N HIS B 44 17.02 -19.88 -15.11
CA HIS B 44 17.08 -18.79 -16.05
C HIS B 44 17.83 -17.56 -15.48
N ILE B 45 17.74 -17.32 -14.17
CA ILE B 45 18.53 -16.29 -13.50
C ILE B 45 20.00 -16.59 -13.76
N ALA B 46 20.40 -17.82 -13.48
CA ALA B 46 21.79 -18.24 -13.66
C ALA B 46 22.27 -18.10 -15.11
N ARG B 47 21.44 -18.53 -16.06
CA ARG B 47 21.80 -18.44 -17.48
C ARG B 47 22.05 -16.99 -17.89
N VAL B 48 21.21 -16.11 -17.36
CA VAL B 48 21.26 -14.72 -17.77
C VAL B 48 22.43 -14.07 -17.06
N ALA B 49 22.63 -14.38 -15.78
CA ALA B 49 23.79 -13.87 -15.04
C ALA B 49 25.09 -14.27 -15.73
N GLN B 50 25.15 -15.52 -16.21
CA GLN B 50 26.34 -15.96 -16.94
C GLN B 50 26.50 -15.26 -18.27
N GLU B 51 25.43 -15.16 -19.05
CA GLU B 51 25.45 -14.37 -20.28
C GLU B 51 26.00 -12.96 -20.07
N GLN B 52 25.76 -12.36 -18.91
CA GLN B 52 26.28 -11.04 -18.58
C GLN B 52 27.57 -11.06 -17.72
N GLY B 53 28.36 -12.13 -17.84
CA GLY B 53 29.71 -12.12 -17.31
C GLY B 53 29.89 -12.36 -15.85
N ALA B 54 28.89 -12.97 -15.20
CA ALA B 54 29.04 -13.30 -13.81
C ALA B 54 29.70 -14.67 -13.71
N GLN B 55 30.53 -14.87 -12.69
CA GLN B 55 30.99 -16.23 -12.32
C GLN B 55 30.13 -16.62 -11.15
N LEU B 56 29.46 -17.77 -11.28
CA LEU B 56 28.44 -18.23 -10.32
C LEU B 56 28.97 -19.24 -9.36
N VAL B 57 28.23 -19.42 -8.28
CA VAL B 57 28.34 -20.56 -7.38
C VAL B 57 26.94 -21.05 -7.11
N LEU B 58 26.62 -22.27 -7.51
CA LEU B 58 25.23 -22.74 -7.46
C LEU B 58 24.95 -23.48 -6.18
N THR B 59 23.72 -23.40 -5.70
CA THR B 59 23.27 -24.22 -4.56
C THR B 59 22.02 -24.98 -5.01
N GLY B 60 21.91 -26.14 -4.36
CA GLY B 60 20.88 -27.15 -4.63
C GLY B 60 20.61 -28.00 -3.41
N PHE B 61 19.42 -28.65 -3.42
CA PHE B 61 18.83 -29.32 -2.24
C PHE B 61 18.41 -30.74 -2.63
N ASP B 62 18.85 -31.75 -1.84
CA ASP B 62 18.34 -33.14 -1.87
C ASP B 62 18.85 -33.97 -3.07
N ARG B 63 18.46 -33.58 -4.27
CA ARG B 63 18.73 -34.27 -5.53
C ARG B 63 19.92 -33.68 -6.30
N LEU B 64 21.11 -33.73 -5.70
CA LEU B 64 22.31 -33.11 -6.25
C LEU B 64 22.77 -33.74 -7.56
N ARG B 65 22.65 -35.04 -7.64
CA ARG B 65 23.02 -35.76 -8.83
C ARG B 65 22.18 -35.22 -10.00
N LEU B 66 20.87 -35.06 -9.77
CA LEU B 66 19.90 -34.69 -10.81
C LEU B 66 20.07 -33.22 -11.16
N ILE B 67 20.35 -32.40 -10.14
CA ILE B 67 20.60 -30.96 -10.34
C ILE B 67 21.85 -30.74 -11.22
N GLN B 68 22.85 -31.61 -11.04
CA GLN B 68 24.12 -31.48 -11.73
C GLN B 68 23.98 -31.74 -13.27
N ARG B 69 23.12 -32.69 -13.68
CA ARG B 69 22.81 -32.87 -15.13
C ARG B 69 22.24 -31.55 -15.66
N ILE B 70 21.39 -30.94 -14.86
CA ILE B 70 20.67 -29.73 -15.26
C ILE B 70 21.60 -28.55 -15.39
N THR B 71 22.45 -28.35 -14.39
CA THR B 71 23.42 -27.25 -14.45
C THR B 71 24.46 -27.41 -15.56
N ASP B 72 24.77 -28.62 -16.00
CA ASP B 72 25.70 -28.80 -17.13
C ASP B 72 25.22 -28.07 -18.41
N ARG B 73 23.89 -27.95 -18.55
CA ARG B 73 23.24 -27.22 -19.66
C ARG B 73 23.33 -25.68 -19.60
N LEU B 74 23.75 -25.11 -18.46
CA LEU B 74 24.03 -23.67 -18.38
C LEU B 74 25.22 -23.30 -19.24
N PRO B 75 25.32 -22.02 -19.66
CA PRO B 75 26.40 -21.66 -20.58
C PRO B 75 27.81 -21.94 -20.08
N ALA B 76 28.04 -21.88 -18.76
CA ALA B 76 29.34 -22.16 -18.17
C ALA B 76 29.19 -23.15 -17.01
N LYS B 77 30.25 -23.90 -16.73
CA LYS B 77 30.33 -24.74 -15.54
C LYS B 77 30.41 -23.82 -14.34
N ALA B 78 29.94 -24.27 -13.20
CA ALA B 78 30.04 -23.55 -11.95
C ALA B 78 29.95 -24.53 -10.80
N PRO B 79 30.73 -24.33 -9.72
CA PRO B 79 30.66 -25.28 -8.59
C PRO B 79 29.26 -25.40 -8.04
N LEU B 80 28.89 -26.57 -7.53
CA LEU B 80 27.54 -26.82 -7.02
C LEU B 80 27.70 -27.24 -5.58
N LEU B 81 26.95 -26.63 -4.65
CA LEU B 81 27.07 -26.89 -3.23
C LEU B 81 25.74 -27.29 -2.62
N GLU B 82 25.78 -28.25 -1.71
CA GLU B 82 24.57 -28.74 -1.10
C GLU B 82 24.18 -27.74 -0.01
N LEU B 83 22.91 -27.36 -0.03
CA LEU B 83 22.32 -26.45 0.95
C LEU B 83 20.84 -26.76 1.10
N ASP B 84 20.49 -27.28 2.28
CA ASP B 84 19.14 -27.60 2.67
C ASP B 84 18.99 -26.54 3.72
N VAL B 85 18.16 -25.53 3.47
CA VAL B 85 18.07 -24.37 4.37
C VAL B 85 17.57 -24.71 5.76
N GLN B 86 17.10 -25.96 5.97
CA GLN B 86 16.74 -26.45 7.31
C GLN B 86 17.88 -27.12 8.09
N ASN B 87 19.06 -27.20 7.52
CA ASN B 87 20.18 -27.97 8.03
C ASN B 87 21.17 -27.04 8.72
N GLU B 88 21.02 -26.97 10.02
CA GLU B 88 21.98 -26.33 10.89
C GLU B 88 23.38 -26.34 10.33
N GLU B 89 23.92 -27.53 10.18
CA GLU B 89 25.31 -27.69 9.76
C GLU B 89 25.60 -27.10 8.39
N HIS B 90 24.67 -27.22 7.44
CA HIS B 90 24.94 -26.69 6.10
C HIS B 90 25.13 -25.18 6.11
N LEU B 91 24.34 -24.48 6.91
CA LEU B 91 24.41 -23.02 6.95
C LEU B 91 25.69 -22.58 7.66
N ALA B 92 25.94 -23.13 8.86
CA ALA B 92 27.22 -22.92 9.58
C ALA B 92 28.47 -23.11 8.68
N SER B 93 28.42 -24.15 7.84
CA SER B 93 29.52 -24.47 6.94
C SER B 93 29.53 -23.66 5.66
N LEU B 94 28.36 -23.22 5.18
CA LEU B 94 28.22 -22.60 3.84
C LEU B 94 29.23 -21.50 3.50
N ALA B 95 29.41 -20.59 4.46
CA ALA B 95 30.27 -19.45 4.29
C ALA B 95 31.69 -19.91 3.82
N GLY B 96 32.25 -20.88 4.54
CA GLY B 96 33.57 -21.44 4.22
C GLY B 96 33.65 -22.31 2.96
N ARG B 97 32.59 -23.07 2.69
CA ARG B 97 32.53 -23.89 1.50
C ARG B 97 32.46 -23.04 0.23
N VAL B 98 31.87 -21.84 0.36
CA VAL B 98 31.80 -20.90 -0.76
C VAL B 98 33.16 -20.23 -0.96
N THR B 99 33.78 -19.74 0.13
CA THR B 99 35.11 -19.09 0.06
C THR B 99 36.10 -20.00 -0.67
N GLU B 100 36.05 -21.30 -0.36
CA GLU B 100 36.91 -22.30 -0.99
C GLU B 100 36.58 -22.58 -2.47
N ALA B 101 35.32 -22.42 -2.84
CA ALA B 101 34.88 -22.57 -4.23
C ALA B 101 35.25 -21.38 -5.16
N ILE B 102 35.34 -20.17 -4.62
CA ILE B 102 35.58 -18.93 -5.42
C ILE B 102 36.99 -18.33 -5.31
N GLY B 103 37.81 -18.89 -4.44
CA GLY B 103 39.13 -18.36 -4.17
C GLY B 103 39.20 -17.71 -2.81
N ALA B 104 40.12 -18.20 -1.98
CA ALA B 104 40.38 -17.64 -0.64
C ALA B 104 40.80 -16.20 -0.83
N GLY B 105 40.28 -15.31 0.02
CA GLY B 105 40.51 -13.87 -0.15
C GLY B 105 39.57 -13.15 -1.11
N ASN B 106 38.64 -13.85 -1.75
CA ASN B 106 37.49 -13.22 -2.42
C ASN B 106 36.17 -13.34 -1.66
N LYS B 107 35.20 -12.55 -2.12
CA LYS B 107 33.90 -12.50 -1.54
C LYS B 107 32.86 -12.49 -2.64
N LEU B 108 31.60 -12.61 -2.24
CA LEU B 108 30.49 -12.56 -3.16
C LEU B 108 30.08 -11.12 -3.32
N ASP B 109 29.56 -10.82 -4.51
CA ASP B 109 28.87 -9.54 -4.82
C ASP B 109 27.37 -9.72 -4.92
N GLY B 110 26.90 -10.96 -5.04
CA GLY B 110 25.46 -11.22 -5.21
C GLY B 110 25.03 -12.53 -4.59
N VAL B 111 23.76 -12.58 -4.16
CA VAL B 111 23.14 -13.80 -3.62
C VAL B 111 21.65 -13.83 -4.07
N VAL B 112 21.23 -14.95 -4.65
CA VAL B 112 19.86 -15.13 -5.14
C VAL B 112 19.18 -16.27 -4.37
N HIS B 113 18.13 -15.93 -3.64
CA HIS B 113 17.32 -16.90 -2.93
C HIS B 113 16.09 -17.16 -3.80
N SER B 114 16.01 -18.37 -4.33
CA SER B 114 14.93 -18.79 -5.21
C SER B 114 14.40 -20.11 -4.72
N ILE B 115 13.90 -20.09 -3.51
CA ILE B 115 13.57 -21.27 -2.74
C ILE B 115 12.16 -21.14 -2.16
N GLY B 116 11.43 -22.26 -2.28
CA GLY B 116 10.13 -22.35 -1.68
C GLY B 116 9.74 -23.78 -1.41
N PHE B 117 8.83 -23.94 -0.45
CA PHE B 117 8.22 -25.21 -0.22
C PHE B 117 6.95 -25.02 0.62
N MET B 118 5.95 -25.86 0.36
CA MET B 118 4.81 -25.93 1.22
C MET B 118 4.22 -27.32 1.05
N PRO B 119 3.98 -28.02 2.18
CA PRO B 119 3.23 -29.24 2.13
C PRO B 119 1.91 -29.12 1.37
N GLN B 120 1.49 -30.27 0.83
CA GLN B 120 0.28 -30.39 0.04
C GLN B 120 -0.96 -29.90 0.76
N THR B 121 -1.00 -30.07 2.07
CA THR B 121 -2.10 -29.63 2.94
C THR B 121 -2.34 -28.13 2.94
N GLY B 122 -1.32 -27.35 2.66
CA GLY B 122 -1.43 -25.90 2.72
C GLY B 122 -1.65 -25.20 1.41
N MET B 123 -2.30 -25.88 0.48
CA MET B 123 -2.23 -25.50 -0.90
C MET B 123 -3.27 -26.21 -1.76
N GLY B 124 -3.69 -25.53 -2.82
CA GLY B 124 -4.65 -26.06 -3.75
C GLY B 124 -6.05 -26.25 -3.20
N ILE B 125 -6.69 -27.37 -3.61
CA ILE B 125 -8.03 -27.67 -3.14
C ILE B 125 -8.21 -28.07 -1.67
N ASN B 126 -7.14 -28.22 -0.92
CA ASN B 126 -7.22 -28.69 0.45
C ASN B 126 -7.64 -27.52 1.32
N PRO B 127 -8.74 -27.64 2.04
CA PRO B 127 -9.27 -26.53 2.83
C PRO B 127 -8.20 -25.81 3.61
N PHE B 128 -8.29 -24.49 3.60
CA PHE B 128 -7.31 -23.65 4.25
C PHE B 128 -7.27 -23.98 5.74
N PHE B 129 -8.46 -24.24 6.32
CA PHE B 129 -8.51 -24.53 7.73
C PHE B 129 -7.92 -25.90 8.11
N ASP B 130 -7.69 -26.78 7.13
CA ASP B 130 -7.21 -28.15 7.43
C ASP B 130 -5.68 -28.25 7.46
N ALA B 131 -4.94 -27.23 7.10
CA ALA B 131 -3.49 -27.36 7.14
C ALA B 131 -3.01 -27.30 8.59
N PRO B 132 -2.39 -28.40 9.07
CA PRO B 132 -1.90 -28.33 10.44
C PRO B 132 -0.65 -27.47 10.54
N TYR B 133 -0.46 -26.83 11.69
CA TYR B 133 0.66 -25.90 11.88
C TYR B 133 2.04 -26.55 11.62
N ALA B 134 2.18 -27.85 11.90
CA ALA B 134 3.48 -28.48 11.67
C ALA B 134 3.86 -28.22 10.22
N ASP B 135 2.88 -28.39 9.33
CA ASP B 135 3.07 -28.29 7.89
C ASP B 135 3.25 -26.82 7.47
N VAL B 136 2.45 -25.91 8.03
CA VAL B 136 2.58 -24.51 7.69
C VAL B 136 3.95 -24.00 8.11
N SER B 137 4.31 -24.30 9.36
CA SER B 137 5.63 -23.96 9.93
C SER B 137 6.82 -24.39 9.07
N LYS B 138 6.73 -25.61 8.52
CA LYS B 138 7.76 -26.09 7.60
C LYS B 138 7.87 -25.21 6.38
N GLY B 139 6.73 -24.83 5.80
CA GLY B 139 6.70 -23.95 4.65
C GLY B 139 7.29 -22.57 4.94
N ILE B 140 6.88 -21.98 6.08
CA ILE B 140 7.42 -20.69 6.49
C ILE B 140 8.92 -20.78 6.75
N HIS B 141 9.37 -21.87 7.37
CA HIS B 141 10.79 -22.11 7.58
C HIS B 141 11.49 -22.03 6.24
N ILE B 142 11.06 -22.84 5.30
CA ILE B 142 11.81 -22.98 4.06
C ILE B 142 11.66 -21.74 3.17
N SER B 143 10.47 -21.16 3.09
CA SER B 143 10.15 -20.15 2.13
C SER B 143 10.40 -18.69 2.54
N ALA B 144 10.51 -18.46 3.88
CA ALA B 144 10.64 -17.10 4.47
C ALA B 144 11.81 -16.94 5.41
N TYR B 145 11.86 -17.75 6.45
CA TYR B 145 12.93 -17.66 7.45
C TYR B 145 14.28 -17.91 6.80
N SER B 146 14.32 -18.85 5.87
CA SER B 146 15.57 -19.17 5.20
C SER B 146 16.22 -17.96 4.52
N TYR B 147 15.43 -16.98 4.09
CA TYR B 147 15.97 -15.77 3.51
C TYR B 147 16.89 -15.06 4.51
N ALA B 148 16.47 -15.06 5.78
CA ALA B 148 17.27 -14.52 6.88
C ALA B 148 18.51 -15.38 7.17
N SER B 149 18.33 -16.69 7.25
CA SER B 149 19.45 -17.55 7.58
C SER B 149 20.45 -17.61 6.43
N MET B 150 20.02 -17.49 5.18
CA MET B 150 20.98 -17.33 4.07
C MET B 150 21.77 -16.05 4.17
N ALA B 151 21.07 -14.95 4.43
CA ALA B 151 21.69 -13.63 4.62
C ALA B 151 22.70 -13.62 5.78
N LYS B 152 22.34 -14.27 6.89
CA LYS B 152 23.24 -14.40 8.03
C LYS B 152 24.53 -15.14 7.66
N ALA B 153 24.39 -16.23 6.92
CA ALA B 153 25.53 -17.08 6.59
C ALA B 153 26.49 -16.42 5.64
N LEU B 154 25.93 -15.58 4.75
CA LEU B 154 26.66 -15.05 3.60
C LEU B 154 27.09 -13.58 3.67
N LEU B 155 26.42 -12.73 4.43
CA LEU B 155 26.88 -11.32 4.55
C LEU B 155 28.36 -11.16 4.97
N PRO B 156 28.84 -11.95 5.93
CA PRO B 156 30.28 -11.83 6.26
C PRO B 156 31.24 -12.03 5.07
N ILE B 157 30.82 -12.75 4.03
CA ILE B 157 31.62 -12.91 2.81
C ILE B 157 31.03 -12.15 1.60
N MET B 158 30.38 -11.01 1.86
CA MET B 158 29.87 -10.16 0.80
C MET B 158 30.57 -8.80 0.78
N ASN B 159 30.90 -8.34 -0.44
CA ASN B 159 31.50 -7.02 -0.62
C ASN B 159 30.50 -5.91 -0.48
N PRO B 160 31.00 -4.71 -0.09
CA PRO B 160 30.12 -3.54 -0.14
C PRO B 160 29.67 -3.31 -1.56
N GLY B 161 28.43 -2.85 -1.73
CA GLY B 161 27.87 -2.67 -3.05
C GLY B 161 26.98 -3.80 -3.48
N GLY B 162 27.20 -5.00 -2.93
CA GLY B 162 26.57 -6.22 -3.42
C GLY B 162 25.08 -6.29 -3.17
N SER B 163 24.42 -7.27 -3.79
CA SER B 163 22.97 -7.38 -3.71
C SER B 163 22.49 -8.80 -3.33
N ILE B 164 21.65 -8.88 -2.28
CA ILE B 164 20.82 -10.06 -2.02
C ILE B 164 19.45 -9.88 -2.68
N VAL B 165 19.02 -10.93 -3.41
CA VAL B 165 17.70 -10.93 -4.08
C VAL B 165 16.89 -12.23 -3.86
N GLY B 166 15.60 -12.08 -3.58
CA GLY B 166 14.73 -13.20 -3.35
C GLY B 166 13.47 -13.13 -4.19
N MET B 167 12.72 -14.23 -4.24
CA MET B 167 11.57 -14.31 -5.16
C MET B 167 10.26 -14.33 -4.41
N ASP B 168 9.35 -13.46 -4.85
CA ASP B 168 8.11 -13.18 -4.16
C ASP B 168 6.97 -13.41 -5.11
N PHE B 169 5.78 -13.70 -4.59
CA PHE B 169 4.55 -13.65 -5.39
C PHE B 169 3.52 -12.82 -4.67
N ASP B 170 3.00 -11.81 -5.33
CA ASP B 170 2.25 -10.73 -4.66
C ASP B 170 1.23 -11.28 -3.67
N PRO B 171 1.46 -11.14 -2.35
CA PRO B 171 0.50 -11.67 -1.36
C PRO B 171 -0.47 -10.68 -0.71
N SER B 172 -0.46 -9.46 -1.21
CA SER B 172 -1.30 -8.40 -0.64
C SER B 172 -2.79 -8.64 -0.64
N ARG B 173 -3.27 -9.47 -1.54
CA ARG B 173 -4.64 -9.89 -1.62
C ARG B 173 -4.65 -11.41 -1.59
N ALA B 174 -5.68 -11.97 -0.97
CA ALA B 174 -5.88 -13.44 -0.91
C ALA B 174 -6.32 -13.94 -2.24
N MET B 175 -6.05 -15.21 -2.52
CA MET B 175 -6.45 -15.76 -3.84
C MET B 175 -6.76 -17.24 -3.71
N PRO B 176 -7.53 -17.80 -4.63
CA PRO B 176 -7.72 -19.22 -4.47
C PRO B 176 -6.42 -20.01 -4.74
N ALA B 177 -6.34 -21.20 -4.15
CA ALA B 177 -5.22 -22.14 -4.21
C ALA B 177 -3.91 -21.79 -3.49
N TYR B 178 -3.41 -20.58 -3.64
CA TYR B 178 -2.06 -20.26 -3.14
C TYR B 178 -2.05 -20.36 -1.62
N ASN B 179 -3.22 -20.18 -1.01
CA ASN B 179 -3.43 -20.52 0.39
C ASN B 179 -2.26 -20.18 1.33
N TRP B 180 -1.71 -21.14 2.05
CA TRP B 180 -0.68 -20.88 3.05
C TRP B 180 0.64 -20.51 2.43
N MET B 181 0.89 -20.73 1.16
CA MET B 181 2.06 -20.08 0.55
C MET B 181 1.93 -18.57 0.49
N THR B 182 0.72 -18.07 0.22
CA THR B 182 0.43 -16.66 0.31
C THR B 182 0.92 -16.08 1.65
N VAL B 183 0.62 -16.77 2.75
CA VAL B 183 1.04 -16.35 4.07
C VAL B 183 2.55 -16.38 4.23
N ALA B 184 3.19 -17.40 3.72
CA ALA B 184 4.66 -17.42 3.67
C ALA B 184 5.28 -16.23 2.92
N LYS B 185 4.69 -15.86 1.81
CA LYS B 185 5.18 -14.70 1.07
C LYS B 185 4.93 -13.41 1.84
N SER B 186 3.80 -13.28 2.53
CA SER B 186 3.59 -12.08 3.35
C SER B 186 4.69 -12.00 4.43
N ALA B 187 5.08 -13.15 4.96
CA ALA B 187 6.15 -13.22 5.94
C ALA B 187 7.49 -12.87 5.33
N LEU B 188 7.73 -13.42 4.15
CA LEU B 188 8.98 -13.17 3.43
C LEU B 188 9.13 -11.69 3.17
N GLU B 189 8.03 -11.01 2.86
CA GLU B 189 8.12 -9.60 2.51
C GLU B 189 8.63 -8.83 3.70
N SER B 190 8.20 -9.23 4.91
CA SER B 190 8.59 -8.57 6.15
C SER B 190 10.04 -8.96 6.47
N VAL B 191 10.36 -10.22 6.29
CA VAL B 191 11.71 -10.69 6.54
C VAL B 191 12.70 -9.89 5.71
N ASN B 192 12.32 -9.60 4.48
CA ASN B 192 13.20 -8.89 3.57
C ASN B 192 13.54 -7.49 4.10
N ARG B 193 12.56 -6.80 4.64
CA ARG B 193 12.82 -5.49 5.12
C ARG B 193 13.74 -5.52 6.33
N PHE B 194 13.69 -6.56 7.15
CA PHE B 194 14.64 -6.69 8.26
C PHE B 194 16.06 -7.05 7.81
N VAL B 195 16.16 -7.93 6.83
CA VAL B 195 17.44 -8.32 6.26
C VAL B 195 18.10 -7.07 5.67
N ALA B 196 17.33 -6.19 5.05
CA ALA B 196 17.86 -4.95 4.49
C ALA B 196 18.56 -4.09 5.48
N ARG B 197 18.03 -4.04 6.69
CA ARG B 197 18.67 -3.37 7.82
C ARG B 197 20.03 -3.94 8.22
N GLU B 198 20.07 -5.25 8.35
CA GLU B 198 21.32 -5.92 8.68
C GLU B 198 22.27 -5.81 7.52
N ALA B 199 21.80 -6.08 6.31
CA ALA B 199 22.63 -6.02 5.09
C ALA B 199 23.21 -4.63 4.87
N GLY B 200 22.47 -3.61 5.30
CA GLY B 200 22.89 -2.22 5.25
C GLY B 200 24.20 -1.96 5.92
N LYS B 201 24.45 -2.61 7.06
CA LYS B 201 25.74 -2.46 7.77
C LYS B 201 26.93 -2.88 6.95
N TYR B 202 26.72 -3.74 5.96
CA TYR B 202 27.74 -4.21 5.04
C TYR B 202 27.76 -3.48 3.72
N GLY B 203 26.90 -2.49 3.52
CA GLY B 203 26.79 -1.81 2.23
C GLY B 203 26.03 -2.61 1.20
N VAL B 204 25.16 -3.50 1.68
CA VAL B 204 24.44 -4.50 0.86
C VAL B 204 22.93 -4.23 0.80
N ARG B 205 22.43 -4.37 -0.42
CA ARG B 205 21.02 -4.24 -0.67
C ARG B 205 20.35 -5.61 -0.55
N SER B 206 19.07 -5.57 -0.16
CA SER B 206 18.21 -6.76 -0.08
C SER B 206 16.85 -6.41 -0.68
N ASN B 207 16.44 -7.15 -1.70
CA ASN B 207 15.16 -6.87 -2.36
C ASN B 207 14.50 -8.14 -2.80
N LEU B 208 13.22 -8.09 -3.12
CA LEU B 208 12.53 -9.24 -3.65
C LEU B 208 12.07 -8.86 -5.01
N VAL B 209 12.02 -9.82 -5.95
CA VAL B 209 11.27 -9.64 -7.19
C VAL B 209 9.93 -10.35 -7.11
N ALA B 210 8.86 -9.65 -7.38
CA ALA B 210 7.57 -10.24 -7.33
C ALA B 210 7.26 -10.59 -8.76
N ALA B 211 7.41 -11.86 -9.12
CA ALA B 211 7.22 -12.30 -10.50
C ALA B 211 5.79 -12.66 -10.73
N GLY B 212 5.40 -12.50 -11.99
CA GLY B 212 4.20 -13.16 -12.52
C GLY B 212 4.41 -14.66 -12.64
N PRO B 213 3.34 -15.41 -12.97
CA PRO B 213 3.47 -16.87 -12.97
C PRO B 213 4.40 -17.43 -14.07
N ILE B 214 5.12 -18.49 -13.73
CA ILE B 214 6.00 -19.20 -14.67
C ILE B 214 5.80 -20.74 -14.52
N ARG B 215 5.58 -21.46 -15.63
CA ARG B 215 5.58 -22.96 -15.64
C ARG B 215 6.91 -23.51 -15.14
N THR B 216 6.90 -23.87 -13.88
CA THR B 216 8.01 -24.50 -13.20
C THR B 216 7.50 -25.73 -12.47
N LEU B 217 8.42 -26.53 -11.95
CA LEU B 217 8.04 -27.72 -11.24
C LEU B 217 7.09 -27.38 -10.10
N ALA B 218 7.41 -26.35 -9.32
CA ALA B 218 6.62 -26.05 -8.13
C ALA B 218 5.22 -25.63 -8.54
N MET B 219 5.09 -24.94 -9.67
CA MET B 219 3.75 -24.61 -10.16
C MET B 219 2.87 -25.85 -10.39
N SER B 220 3.41 -26.85 -11.01
CA SER B 220 2.83 -28.24 -11.00
C SER B 220 2.44 -28.80 -9.62
N ALA B 221 3.39 -28.68 -8.69
CA ALA B 221 3.18 -29.05 -7.31
C ALA B 221 2.08 -28.31 -6.52
N ILE B 222 1.38 -27.31 -7.10
CA ILE B 222 0.33 -26.60 -6.39
C ILE B 222 -0.99 -27.40 -6.38
N VAL B 223 -1.37 -27.98 -7.50
CA VAL B 223 -2.40 -29.07 -7.45
C VAL B 223 -1.82 -30.37 -8.00
N ALA B 231 -9.26 -29.63 -11.97
CA ALA B 231 -8.07 -29.80 -12.78
C ALA B 231 -7.29 -28.46 -13.01
N GLY B 232 -5.97 -28.65 -13.26
CA GLY B 232 -5.01 -27.62 -13.71
C GLY B 232 -5.34 -26.69 -14.87
N ALA B 233 -6.54 -26.79 -15.44
CA ALA B 233 -7.11 -25.75 -16.25
C ALA B 233 -7.75 -24.63 -15.40
N GLN B 234 -8.16 -24.90 -14.15
CA GLN B 234 -8.65 -23.81 -13.28
C GLN B 234 -7.53 -22.87 -12.69
N ILE B 235 -6.32 -23.43 -12.57
CA ILE B 235 -5.11 -22.61 -12.51
C ILE B 235 -5.30 -21.61 -13.69
N GLN B 236 -5.22 -22.10 -14.94
CA GLN B 236 -5.24 -21.24 -16.15
C GLN B 236 -6.09 -19.99 -16.16
N LEU B 237 -7.36 -20.01 -15.74
CA LEU B 237 -8.18 -18.75 -15.84
C LEU B 237 -7.62 -17.69 -14.91
N LEU B 238 -7.33 -18.11 -13.67
CA LEU B 238 -6.72 -17.20 -12.71
C LEU B 238 -5.38 -16.59 -13.19
N GLU B 239 -4.59 -17.37 -13.89
CA GLU B 239 -3.34 -16.85 -14.42
C GLU B 239 -3.51 -15.97 -15.60
N GLU B 240 -4.65 -15.97 -16.26
CA GLU B 240 -4.95 -14.91 -17.21
C GLU B 240 -5.61 -13.66 -16.53
N GLY B 241 -5.92 -13.68 -15.22
CA GLY B 241 -5.73 -12.46 -14.27
C GLY B 241 -4.24 -11.89 -14.04
N TRP B 242 -3.35 -12.25 -14.98
CA TRP B 242 -2.06 -11.58 -15.36
C TRP B 242 -1.99 -11.20 -16.84
N ASP B 243 -1.99 -12.14 -17.79
CA ASP B 243 -1.85 -11.71 -19.19
C ASP B 243 -2.87 -10.61 -19.61
N GLN B 244 -4.11 -10.76 -19.16
CA GLN B 244 -5.20 -9.77 -19.42
C GLN B 244 -4.90 -8.44 -18.87
N ARG B 245 -4.61 -8.41 -17.56
CA ARG B 245 -4.36 -7.17 -16.83
C ARG B 245 -3.08 -6.45 -17.28
N ALA B 246 -2.05 -7.22 -17.60
CA ALA B 246 -0.74 -6.68 -17.93
C ALA B 246 -0.76 -5.80 -19.15
N PRO B 247 -0.40 -4.53 -19.02
CA PRO B 247 -0.49 -3.71 -20.23
C PRO B 247 0.48 -4.11 -21.32
N ILE B 248 1.56 -4.78 -20.96
CA ILE B 248 2.49 -5.33 -21.95
C ILE B 248 2.44 -6.84 -22.02
N GLY B 249 1.42 -7.45 -21.41
CA GLY B 249 1.27 -8.89 -21.40
C GLY B 249 2.22 -9.73 -20.57
N TRP B 250 1.84 -11.00 -20.48
CA TRP B 250 2.54 -11.97 -19.66
C TRP B 250 2.50 -13.32 -20.27
N ASN B 251 3.65 -13.92 -20.34
CA ASN B 251 3.81 -15.20 -20.97
C ASN B 251 4.35 -16.18 -19.93
N MET B 252 3.51 -17.09 -19.47
CA MET B 252 3.94 -18.00 -18.41
C MET B 252 5.08 -18.94 -18.78
N LYS B 253 5.42 -19.05 -20.06
CA LYS B 253 6.49 -19.97 -20.50
C LYS B 253 7.86 -19.32 -20.63
N ASP B 254 7.92 -18.00 -20.37
CA ASP B 254 9.12 -17.21 -20.61
C ASP B 254 9.62 -16.62 -19.32
N ALA B 255 10.64 -17.22 -18.75
CA ALA B 255 11.23 -16.66 -17.55
C ALA B 255 12.28 -15.56 -17.83
N THR B 256 12.64 -15.34 -19.10
CA THR B 256 13.68 -14.36 -19.38
C THR B 256 13.38 -13.00 -18.67
N PRO B 257 12.17 -12.40 -18.91
CA PRO B 257 11.89 -11.13 -18.29
C PRO B 257 12.07 -11.08 -16.77
N VAL B 258 11.70 -12.15 -16.08
CA VAL B 258 11.98 -12.25 -14.66
C VAL B 258 13.50 -12.32 -14.37
N ALA B 259 14.19 -13.18 -15.09
CA ALA B 259 15.61 -13.34 -14.86
C ALA B 259 16.38 -12.05 -15.06
N LYS B 260 15.97 -11.27 -16.06
CA LYS B 260 16.61 -10.00 -16.37
C LYS B 260 16.35 -9.02 -15.23
N THR B 261 15.07 -8.95 -14.81
CA THR B 261 14.70 -8.08 -13.70
C THR B 261 15.57 -8.42 -12.49
N VAL B 262 15.80 -9.69 -12.17
CA VAL B 262 16.66 -10.06 -11.03
C VAL B 262 18.10 -9.60 -11.23
N CYS B 263 18.64 -9.83 -12.43
CA CYS B 263 19.97 -9.38 -12.72
C CYS B 263 20.13 -7.86 -12.54
N ALA B 264 19.07 -7.11 -12.88
CA ALA B 264 19.09 -5.68 -12.70
C ALA B 264 19.38 -5.37 -11.24
N LEU B 265 18.67 -6.02 -10.31
CA LEU B 265 18.99 -5.82 -8.87
C LEU B 265 20.39 -6.30 -8.40
N LEU B 266 20.90 -7.31 -9.08
CA LEU B 266 22.24 -7.75 -8.82
C LEU B 266 23.29 -6.77 -9.32
N SER B 267 22.91 -6.01 -10.34
CA SER B 267 23.82 -5.05 -10.98
C SER B 267 24.05 -3.81 -10.15
N ASP B 268 24.94 -2.96 -10.64
CA ASP B 268 25.13 -1.65 -10.02
C ASP B 268 24.08 -0.61 -10.35
N TRP B 269 23.01 -0.96 -11.06
CA TRP B 269 22.11 0.03 -11.66
C TRP B 269 20.85 0.32 -10.91
N LEU B 270 20.68 -0.32 -9.74
CA LEU B 270 19.61 0.07 -8.82
C LEU B 270 20.15 0.29 -7.43
N PRO B 271 21.15 1.15 -7.32
CA PRO B 271 21.93 1.25 -6.08
C PRO B 271 21.25 1.89 -4.90
N ALA B 272 20.04 2.40 -5.08
CA ALA B 272 19.40 3.09 -3.97
C ALA B 272 18.03 2.50 -3.66
N THR B 273 17.90 1.22 -3.92
CA THR B 273 16.69 0.47 -3.67
C THR B 273 17.00 -0.72 -2.75
N THR B 274 16.50 -0.71 -1.51
CA THR B 274 16.74 -1.81 -0.57
C THR B 274 15.52 -1.94 0.32
N GLY B 275 15.28 -3.15 0.83
CA GLY B 275 14.12 -3.46 1.67
C GLY B 275 12.86 -3.55 0.86
N ASP B 276 13.01 -3.66 -0.47
CA ASP B 276 11.92 -3.26 -1.35
C ASP B 276 11.49 -4.42 -2.22
N ILE B 277 10.44 -4.19 -3.02
CA ILE B 277 9.88 -5.19 -3.90
C ILE B 277 9.71 -4.59 -5.28
N ILE B 278 10.23 -5.32 -6.26
CA ILE B 278 10.11 -4.98 -7.68
C ILE B 278 9.26 -6.00 -8.41
N TYR B 279 8.24 -5.47 -9.07
CA TYR B 279 7.24 -6.29 -9.73
C TYR B 279 7.73 -6.52 -11.19
N ALA B 280 8.10 -7.76 -11.45
CA ALA B 280 8.27 -8.28 -12.80
C ALA B 280 7.04 -9.12 -13.18
N ASP B 281 5.92 -8.43 -13.41
CA ASP B 281 4.66 -9.07 -13.67
C ASP B 281 3.87 -8.48 -14.83
N GLY B 282 4.59 -7.86 -15.78
CA GLY B 282 3.96 -7.23 -16.92
C GLY B 282 3.06 -6.10 -16.56
N GLY B 283 3.19 -5.58 -15.36
CA GLY B 283 2.34 -4.51 -14.84
C GLY B 283 1.03 -4.92 -14.29
N ALA B 284 0.78 -6.23 -14.23
CA ALA B 284 -0.55 -6.70 -13.83
C ALA B 284 -1.02 -6.17 -12.51
N HIS B 285 -0.14 -6.01 -11.53
CA HIS B 285 -0.60 -5.59 -10.22
C HIS B 285 -1.04 -4.16 -10.13
N THR B 286 -0.76 -3.36 -11.17
CA THR B 286 -1.15 -1.94 -11.26
C THR B 286 -2.51 -1.75 -11.92
N GLN B 287 -3.12 -2.85 -12.38
CA GLN B 287 -4.34 -2.80 -13.14
C GLN B 287 -5.43 -3.68 -12.45
N LEU B 288 -6.63 -3.16 -12.32
CA LEU B 288 -7.72 -3.90 -11.73
C LEU B 288 -8.37 -4.76 -12.77
N LEU B 289 -8.43 -4.25 -13.98
CA LEU B 289 -8.80 -4.97 -15.17
C LEU B 289 -8.34 -4.14 -16.40
N THR C 22 30.57 -1.65 -24.11
CA THR C 22 29.08 -1.72 -23.86
C THR C 22 28.54 -0.64 -22.84
N GLY C 23 27.98 0.39 -23.39
CA GLY C 23 27.01 1.16 -22.68
C GLY C 23 25.74 0.37 -22.39
N LEU C 24 25.21 0.54 -21.17
CA LEU C 24 23.87 0.12 -20.82
C LEU C 24 22.80 0.59 -21.77
N LEU C 25 22.98 1.73 -22.43
CA LEU C 25 21.99 2.25 -23.37
C LEU C 25 22.54 2.42 -24.79
N ASP C 26 23.48 1.55 -25.23
CA ASP C 26 24.07 1.67 -26.58
C ASP C 26 23.00 1.90 -27.65
N GLY C 27 23.29 2.94 -28.44
CA GLY C 27 22.46 3.43 -29.52
C GLY C 27 20.99 3.60 -29.26
N LYS C 28 20.62 4.02 -28.06
CA LYS C 28 19.22 4.31 -27.80
C LYS C 28 19.02 5.81 -27.94
N ARG C 29 17.86 6.19 -28.46
CA ARG C 29 17.50 7.59 -28.61
C ARG C 29 16.51 7.95 -27.55
N ILE C 30 16.92 8.84 -26.66
CA ILE C 30 16.12 9.18 -25.49
C ILE C 30 15.84 10.68 -25.36
N LEU C 31 14.58 11.10 -25.28
CA LEU C 31 14.26 12.48 -24.96
C LEU C 31 14.37 12.70 -23.46
N VAL C 32 14.97 13.83 -23.06
CA VAL C 32 15.11 14.19 -21.65
C VAL C 32 14.64 15.63 -21.36
N SER C 33 13.50 15.72 -20.69
CA SER C 33 12.94 16.98 -20.26
C SER C 33 13.46 17.35 -18.90
N GLY C 34 13.34 18.64 -18.53
CA GLY C 34 13.47 19.10 -17.16
C GLY C 34 14.82 19.57 -16.65
N ILE C 35 15.75 19.82 -17.55
CA ILE C 35 17.05 20.40 -17.17
C ILE C 35 16.86 21.93 -17.05
N ILE C 36 17.42 22.49 -15.98
CA ILE C 36 17.40 23.94 -15.76
C ILE C 36 18.69 24.39 -15.11
N THR C 37 19.23 23.66 -14.14
CA THR C 37 20.60 23.91 -13.73
C THR C 37 21.36 22.59 -13.79
N ASP C 38 22.62 22.59 -13.45
CA ASP C 38 23.43 21.38 -13.47
C ASP C 38 23.29 20.54 -12.20
N SER C 39 22.41 20.97 -11.29
CA SER C 39 21.99 20.19 -10.15
C SER C 39 20.71 19.44 -10.43
N SER C 40 19.97 19.86 -11.48
CA SER C 40 18.71 19.23 -11.88
C SER C 40 18.81 17.72 -11.95
N ILE C 41 17.80 17.00 -11.47
CA ILE C 41 17.84 15.56 -11.60
C ILE C 41 17.95 15.21 -13.09
N ALA C 42 17.08 15.82 -13.90
CA ALA C 42 17.20 15.68 -15.39
C ALA C 42 18.64 15.72 -15.95
N PHE C 43 19.45 16.68 -15.49
CA PHE C 43 20.85 16.78 -15.92
C PHE C 43 21.65 15.52 -15.64
N HIS C 44 21.60 15.05 -14.41
CA HIS C 44 22.35 13.84 -14.09
C HIS C 44 21.84 12.60 -14.82
N ILE C 45 20.52 12.53 -15.07
CA ILE C 45 19.94 11.47 -15.90
C ILE C 45 20.64 11.50 -17.26
N ALA C 46 20.65 12.68 -17.85
CA ALA C 46 21.26 12.87 -19.17
C ALA C 46 22.73 12.51 -19.19
N ARG C 47 23.48 12.97 -18.19
CA ARG C 47 24.92 12.67 -18.13
C ARG C 47 25.18 11.16 -18.08
N VAL C 48 24.33 10.46 -17.34
CA VAL C 48 24.54 9.05 -17.12
C VAL C 48 24.09 8.32 -18.35
N ALA C 49 22.96 8.74 -18.93
CA ALA C 49 22.49 8.12 -20.19
C ALA C 49 23.55 8.26 -21.26
N GLN C 50 24.20 9.45 -21.34
CA GLN C 50 25.26 9.64 -22.31
C GLN C 50 26.48 8.80 -22.04
N GLU C 51 26.94 8.77 -20.78
CA GLU C 51 28.02 7.89 -20.41
C GLU C 51 27.78 6.43 -20.81
N GLN C 52 26.52 6.00 -20.83
CA GLN C 52 26.14 4.66 -21.26
C GLN C 52 25.63 4.61 -22.73
N GLY C 53 26.11 5.51 -23.59
CA GLY C 53 25.92 5.34 -25.01
C GLY C 53 24.60 5.77 -25.61
N ALA C 54 23.84 6.57 -24.91
CA ALA C 54 22.59 7.05 -25.47
C ALA C 54 22.86 8.31 -26.26
N GLN C 55 22.10 8.52 -27.32
CA GLN C 55 22.08 9.80 -28.03
C GLN C 55 20.79 10.44 -27.61
N LEU C 56 20.90 11.66 -27.05
CA LEU C 56 19.80 12.36 -26.40
C LEU C 56 19.18 13.40 -27.25
N VAL C 57 17.97 13.81 -26.88
CA VAL C 57 17.31 15.01 -27.39
C VAL C 57 16.73 15.72 -26.19
N LEU C 58 17.21 16.93 -25.91
CA LEU C 58 16.87 17.59 -24.66
C LEU C 58 15.66 18.50 -24.86
N THR C 59 14.81 18.62 -23.83
CA THR C 59 13.86 19.72 -23.76
C THR C 59 14.10 20.56 -22.50
N GLY C 60 13.67 21.81 -22.68
CA GLY C 60 13.85 22.92 -21.78
C GLY C 60 12.68 23.88 -21.84
N PHE C 61 12.48 24.66 -20.76
CA PHE C 61 11.32 25.54 -20.57
C PHE C 61 11.74 26.97 -20.26
N ASP C 62 11.24 27.96 -21.03
CA ASP C 62 11.33 29.39 -20.68
C ASP C 62 12.74 30.03 -20.98
N ARG C 63 13.75 29.53 -20.28
CA ARG C 63 15.13 30.03 -20.28
C ARG C 63 16.06 29.21 -21.19
N LEU C 64 15.81 29.23 -22.47
CA LEU C 64 16.56 28.36 -23.42
C LEU C 64 18.01 28.73 -23.58
N ARG C 65 18.27 30.01 -23.58
CA ARG C 65 19.64 30.48 -23.71
C ARG C 65 20.44 29.97 -22.51
N LEU C 66 19.84 30.04 -21.32
CA LEU C 66 20.50 29.72 -20.04
C LEU C 66 20.65 28.21 -19.91
N ILE C 67 19.63 27.48 -20.37
CA ILE C 67 19.66 25.99 -20.39
C ILE C 67 20.78 25.49 -21.31
N GLN C 68 21.02 26.22 -22.41
CA GLN C 68 22.00 25.82 -23.40
C GLN C 68 23.44 25.90 -22.85
N ARG C 69 23.76 26.91 -22.02
CA ARG C 69 25.08 26.98 -21.34
C ARG C 69 25.21 25.69 -20.49
N ILE C 70 24.10 25.33 -19.83
CA ILE C 70 24.11 24.19 -18.91
C ILE C 70 24.32 22.87 -19.64
N THR C 71 23.56 22.66 -20.71
CA THR C 71 23.70 21.44 -21.50
C THR C 71 25.06 21.32 -22.19
N ASP C 72 25.76 22.41 -22.49
CA ASP C 72 27.10 22.30 -23.07
C ASP C 72 28.07 21.52 -22.18
N ARG C 73 27.84 21.59 -20.86
CA ARG C 73 28.60 20.82 -19.84
C ARG C 73 28.33 19.31 -19.79
N LEU C 74 27.28 18.81 -20.46
CA LEU C 74 27.09 17.37 -20.61
C LEU C 74 28.19 16.74 -21.45
N PRO C 75 28.45 15.42 -21.28
CA PRO C 75 29.56 14.81 -21.98
C PRO C 75 29.50 14.91 -23.50
N ALA C 76 28.31 14.95 -24.09
CA ALA C 76 28.11 15.08 -25.52
C ALA C 76 27.12 16.19 -25.84
N LYS C 77 27.25 16.80 -27.03
CA LYS C 77 26.27 17.76 -27.52
C LYS C 77 24.98 17.02 -27.80
N ALA C 78 23.85 17.72 -27.67
CA ALA C 78 22.56 17.14 -27.96
C ALA C 78 21.58 18.27 -28.30
N PRO C 79 20.75 18.10 -29.34
CA PRO C 79 19.82 19.16 -29.72
C PRO C 79 18.92 19.57 -28.58
N LEU C 80 18.49 20.81 -28.51
CA LEU C 80 17.67 21.32 -27.44
C LEU C 80 16.40 21.88 -28.00
N LEU C 81 15.25 21.54 -27.45
CA LEU C 81 13.95 21.96 -27.97
C LEU C 81 13.10 22.62 -26.91
N GLU C 82 12.37 23.66 -27.26
CA GLU C 82 11.56 24.39 -26.31
C GLU C 82 10.27 23.57 -26.11
N LEU C 83 9.91 23.38 -24.84
CA LEU C 83 8.71 22.67 -24.45
C LEU C 83 8.22 23.20 -23.12
N ASP C 84 7.07 23.88 -23.18
CA ASP C 84 6.37 24.41 -22.02
C ASP C 84 5.19 23.53 -22.07
N VAL C 85 5.06 22.62 -21.12
CA VAL C 85 4.00 21.61 -21.16
C VAL C 85 2.60 22.18 -21.07
N GLN C 86 2.48 23.48 -20.81
CA GLN C 86 1.18 24.18 -20.90
C GLN C 86 0.80 24.78 -22.25
N ASN C 87 1.66 24.61 -23.22
CA ASN C 87 1.56 25.25 -24.51
C ASN C 87 1.02 24.28 -25.53
N GLU C 88 -0.27 24.39 -25.75
CA GLU C 88 -0.95 23.69 -26.83
C GLU C 88 -0.03 23.50 -28.04
N GLU C 89 0.44 24.62 -28.62
CA GLU C 89 1.22 24.55 -29.83
C GLU C 89 2.52 23.75 -29.68
N HIS C 90 3.21 23.86 -28.54
CA HIS C 90 4.50 23.17 -28.38
C HIS C 90 4.30 21.64 -28.41
N LEU C 91 3.22 21.16 -27.81
CA LEU C 91 2.98 19.72 -27.77
C LEU C 91 2.57 19.20 -29.17
N ALA C 92 1.58 19.85 -29.77
CA ALA C 92 1.22 19.59 -31.19
C ALA C 92 2.44 19.53 -32.16
N SER C 93 3.38 20.43 -31.95
CA SER C 93 4.60 20.49 -32.75
C SER C 93 5.69 19.50 -32.32
N LEU C 94 5.74 19.16 -31.05
CA LEU C 94 6.87 18.40 -30.46
C LEU C 94 7.30 17.14 -31.23
N ALA C 95 6.29 16.35 -31.59
CA ALA C 95 6.52 15.06 -32.25
C ALA C 95 7.39 15.27 -33.51
N GLY C 96 7.00 16.25 -34.34
CA GLY C 96 7.74 16.59 -35.54
C GLY C 96 9.09 17.27 -35.37
N ARG C 97 9.19 18.12 -34.34
CA ARG C 97 10.45 18.79 -34.03
C ARG C 97 11.49 17.79 -33.53
N VAL C 98 11.03 16.70 -32.90
CA VAL C 98 11.92 15.63 -32.45
C VAL C 98 12.38 14.79 -33.63
N THR C 99 11.43 14.37 -34.48
CA THR C 99 11.75 13.56 -35.70
C THR C 99 12.83 14.26 -36.51
N GLU C 100 12.72 15.58 -36.64
CA GLU C 100 13.70 16.40 -37.38
C GLU C 100 15.06 16.53 -36.67
N ALA C 101 15.06 16.47 -35.35
CA ALA C 101 16.30 16.51 -34.56
C ALA C 101 17.10 15.22 -34.57
N ILE C 102 16.43 14.07 -34.70
CA ILE C 102 17.08 12.72 -34.60
C ILE C 102 17.28 11.99 -35.93
N GLY C 103 16.73 12.53 -37.00
CA GLY C 103 16.71 11.85 -38.29
C GLY C 103 15.33 11.35 -38.65
N ALA C 104 14.82 11.79 -39.80
CA ALA C 104 13.54 11.36 -40.34
C ALA C 104 13.54 9.86 -40.49
N GLY C 105 12.47 9.21 -40.04
CA GLY C 105 12.43 7.75 -40.04
C GLY C 105 13.10 7.03 -38.86
N ASN C 106 13.61 7.79 -37.89
CA ASN C 106 13.92 7.26 -36.55
C ASN C 106 12.89 7.64 -35.50
N LYS C 107 12.98 6.87 -34.42
CA LYS C 107 12.07 7.01 -33.33
C LYS C 107 12.84 6.97 -32.04
N LEU C 108 12.12 7.31 -30.97
CA LEU C 108 12.68 7.33 -29.65
C LEU C 108 12.53 5.93 -29.07
N ASP C 109 13.50 5.57 -28.22
CA ASP C 109 13.45 4.36 -27.37
C ASP C 109 13.18 4.72 -25.90
N GLY C 110 13.33 6.00 -25.55
CA GLY C 110 13.16 6.45 -24.18
C GLY C 110 12.62 7.88 -24.12
N VAL C 111 11.89 8.17 -23.04
CA VAL C 111 11.37 9.50 -22.73
C VAL C 111 11.42 9.72 -21.19
N VAL C 112 12.01 10.82 -20.75
CA VAL C 112 12.16 11.15 -19.34
C VAL C 112 11.41 12.43 -19.04
N HIS C 113 10.39 12.33 -18.19
CA HIS C 113 9.64 13.48 -17.71
C HIS C 113 10.19 13.83 -16.35
N SER C 114 10.88 14.98 -16.27
CA SER C 114 11.51 15.43 -15.04
C SER C 114 11.10 16.87 -14.81
N ILE C 115 9.81 17.08 -14.66
CA ILE C 115 9.19 18.38 -14.67
C ILE C 115 8.22 18.51 -13.50
N GLY C 116 8.23 19.68 -12.88
CA GLY C 116 7.30 19.97 -11.79
C GLY C 116 7.15 21.44 -11.56
N PHE C 117 6.03 21.81 -10.97
CA PHE C 117 5.80 23.15 -10.56
C PHE C 117 4.66 23.23 -9.55
N MET C 118 4.74 24.16 -8.62
CA MET C 118 3.64 24.51 -7.78
C MET C 118 3.88 25.92 -7.29
N PRO C 119 2.87 26.79 -7.43
CA PRO C 119 2.91 28.07 -6.82
C PRO C 119 3.30 28.05 -5.35
N GLN C 120 3.90 29.17 -4.90
CA GLN C 120 4.21 29.46 -3.54
C GLN C 120 3.08 29.24 -2.55
N THR C 121 1.86 29.53 -2.97
CA THR C 121 0.69 29.38 -2.14
C THR C 121 0.37 27.94 -1.71
N GLY C 122 0.81 26.99 -2.51
CA GLY C 122 0.49 25.60 -2.25
C GLY C 122 1.53 24.79 -1.55
N MET C 123 2.33 25.46 -0.73
CA MET C 123 3.61 24.90 -0.35
C MET C 123 4.24 25.63 0.80
N GLY C 124 5.03 24.91 1.58
CA GLY C 124 5.72 25.45 2.74
C GLY C 124 4.80 25.87 3.89
N ILE C 125 5.14 26.98 4.53
CA ILE C 125 4.35 27.51 5.63
C ILE C 125 3.03 28.15 5.28
N ASN C 126 2.68 28.26 4.02
CA ASN C 126 1.43 28.90 3.63
C ASN C 126 0.31 27.90 3.85
N PRO C 127 -0.69 28.28 4.66
CA PRO C 127 -1.73 27.34 5.04
C PRO C 127 -2.27 26.56 3.85
N PHE C 128 -2.49 25.28 4.09
CA PHE C 128 -2.98 24.38 3.07
C PHE C 128 -4.33 24.86 2.57
N PHE C 129 -5.15 25.35 3.50
CA PHE C 129 -6.46 25.83 3.13
C PHE C 129 -6.44 27.13 2.33
N ASP C 130 -5.32 27.85 2.29
CA ASP C 130 -5.26 29.14 1.60
C ASP C 130 -4.86 29.03 0.12
N ALA C 131 -4.46 27.86 -0.36
CA ALA C 131 -4.05 27.80 -1.76
C ALA C 131 -5.29 27.84 -2.65
N PRO C 132 -5.42 28.89 -3.49
CA PRO C 132 -6.57 28.92 -4.34
C PRO C 132 -6.44 27.93 -5.50
N TYR C 133 -7.58 27.42 -5.95
CA TYR C 133 -7.56 26.34 -6.96
C TYR C 133 -6.86 26.74 -8.27
N ALA C 134 -6.92 28.00 -8.64
CA ALA C 134 -6.23 28.44 -9.86
C ALA C 134 -4.78 27.99 -9.76
N ASP C 135 -4.19 28.20 -8.58
CA ASP C 135 -2.78 27.90 -8.33
C ASP C 135 -2.54 26.40 -8.23
N VAL C 136 -3.43 25.67 -7.52
CA VAL C 136 -3.27 24.23 -7.39
C VAL C 136 -3.35 23.59 -8.77
N SER C 137 -4.40 23.97 -9.51
CA SER C 137 -4.63 23.52 -10.90
C SER C 137 -3.43 23.68 -11.82
N LYS C 138 -2.75 24.83 -11.71
CA LYS C 138 -1.53 25.05 -12.48
C LYS C 138 -0.46 24.02 -12.13
N GLY C 139 -0.30 23.74 -10.84
CA GLY C 139 0.64 22.72 -10.39
C GLY C 139 0.32 21.31 -10.90
N ILE C 140 -0.96 20.94 -10.78
CA ILE C 140 -1.41 19.65 -11.29
C ILE C 140 -1.24 19.57 -12.81
N HIS C 141 -1.54 20.65 -13.51
CA HIS C 141 -1.32 20.72 -14.97
C HIS C 141 0.11 20.37 -15.24
N ILE C 142 1.04 21.12 -14.63
CA ILE C 142 2.44 20.99 -15.01
C ILE C 142 3.05 19.71 -14.49
N SER C 143 2.70 19.30 -13.30
CA SER C 143 3.41 18.19 -12.61
C SER C 143 2.82 16.79 -12.85
N ALA C 144 1.54 16.72 -13.30
CA ALA C 144 0.79 15.43 -13.41
C ALA C 144 0.18 15.20 -14.77
N TYR C 145 -0.66 16.13 -15.19
CA TYR C 145 -1.32 16.02 -16.51
C TYR C 145 -0.30 16.00 -17.62
N SER C 146 0.75 16.79 -17.47
CA SER C 146 1.77 16.87 -18.53
C SER C 146 2.39 15.53 -18.82
N TYR C 147 2.45 14.62 -17.84
CA TYR C 147 2.99 13.28 -18.08
C TYR C 147 2.16 12.58 -19.14
N ALA C 148 0.85 12.77 -19.09
CA ALA C 148 -0.07 12.23 -20.11
C ALA C 148 0.09 12.96 -21.47
N SER C 149 0.14 14.29 -21.45
CA SER C 149 0.26 15.02 -22.69
CA SER C 149 0.39 15.15 -22.61
C SER C 149 1.61 14.80 -23.35
N MET C 150 2.68 14.61 -22.59
CA MET C 150 3.98 14.21 -23.19
C MET C 150 3.90 12.85 -23.80
N ALA C 151 3.34 11.89 -23.09
CA ALA C 151 3.14 10.52 -23.61
C ALA C 151 2.28 10.48 -24.90
N LYS C 152 1.21 11.27 -24.93
CA LYS C 152 0.38 11.41 -26.13
C LYS C 152 1.19 11.91 -27.34
N ALA C 153 1.99 12.94 -27.12
CA ALA C 153 2.74 13.59 -28.19
C ALA C 153 3.83 12.69 -28.77
N LEU C 154 4.40 11.85 -27.89
CA LEU C 154 5.63 11.09 -28.20
C LEU C 154 5.46 9.60 -28.48
N LEU C 155 4.41 8.93 -27.96
CA LEU C 155 4.21 7.50 -28.28
C LEU C 155 4.20 7.17 -29.79
N PRO C 156 3.52 8.00 -30.62
CA PRO C 156 3.57 7.71 -32.05
C PRO C 156 4.99 7.60 -32.65
N ILE C 157 5.98 8.27 -32.05
CA ILE C 157 7.37 8.16 -32.49
C ILE C 157 8.26 7.37 -31.49
N MET C 158 7.66 6.38 -30.84
CA MET C 158 8.42 5.48 -29.95
C MET C 158 8.44 4.04 -30.49
N ASN C 159 9.59 3.40 -30.40
CA ASN C 159 9.75 2.00 -30.81
C ASN C 159 9.19 1.03 -29.79
N PRO C 160 8.79 -0.16 -30.26
CA PRO C 160 8.47 -1.21 -29.31
C PRO C 160 9.69 -1.53 -28.46
N GLY C 161 9.46 -1.84 -27.18
CA GLY C 161 10.54 -2.10 -26.24
C GLY C 161 10.88 -0.92 -25.38
N GLY C 162 10.60 0.30 -25.88
CA GLY C 162 11.03 1.54 -25.23
C GLY C 162 10.39 1.84 -23.91
N SER C 163 10.89 2.85 -23.23
CA SER C 163 10.48 3.20 -21.84
C SER C 163 10.23 4.71 -21.69
N ILE C 164 9.03 5.05 -21.19
CA ILE C 164 8.74 6.37 -20.59
C ILE C 164 8.97 6.31 -19.08
N VAL C 165 9.70 7.30 -18.56
CA VAL C 165 9.99 7.42 -17.11
C VAL C 165 9.74 8.84 -16.56
N GLY C 166 9.12 8.92 -15.39
CA GLY C 166 8.80 10.20 -14.76
C GLY C 166 9.29 10.21 -13.30
N MET C 167 9.30 11.38 -12.68
CA MET C 167 9.89 11.50 -11.36
C MET C 167 8.85 11.79 -10.31
N ASP C 168 8.92 11.04 -9.23
CA ASP C 168 7.88 11.02 -8.20
C ASP C 168 8.50 11.30 -6.87
N PHE C 169 7.72 11.83 -5.94
CA PHE C 169 8.14 11.86 -4.52
C PHE C 169 7.06 11.25 -3.66
N ASP C 170 7.43 10.21 -2.91
CA ASP C 170 6.42 9.33 -2.28
C ASP C 170 5.28 10.11 -1.62
N PRO C 171 4.06 10.08 -2.21
CA PRO C 171 2.92 10.83 -1.64
C PRO C 171 1.92 10.04 -0.78
N SER C 172 2.24 8.80 -0.52
CA SER C 172 1.32 7.92 0.20
C SER C 172 0.92 8.35 1.60
N ARG C 173 1.82 9.11 2.26
CA ARG C 173 1.54 9.73 3.51
C ARG C 173 1.72 11.24 3.33
N ALA C 174 0.89 12.03 4.04
CA ALA C 174 1.00 13.49 4.05
C ALA C 174 2.20 13.88 4.88
N MET C 175 2.74 15.05 4.66
CA MET C 175 3.96 15.51 5.35
C MET C 175 3.93 17.02 5.48
N PRO C 176 4.72 17.56 6.41
CA PRO C 176 4.70 19.02 6.43
C PRO C 176 5.40 19.61 5.18
N ALA C 177 5.00 20.84 4.84
CA ALA C 177 5.51 21.61 3.69
C ALA C 177 5.12 21.18 2.27
N TYR C 178 5.26 19.90 1.94
CA TYR C 178 5.10 19.49 0.52
C TYR C 178 3.66 19.75 0.09
N ASN C 179 2.75 19.79 1.03
CA ASN C 179 1.40 20.27 0.82
C ASN C 179 0.78 19.89 -0.55
N TRP C 180 0.36 20.86 -1.37
CA TRP C 180 -0.33 20.56 -2.59
C TRP C 180 0.55 19.93 -3.65
N MET C 181 1.86 20.00 -3.55
CA MET C 181 2.66 19.14 -4.43
C MET C 181 2.47 17.66 -4.13
N THR C 182 2.33 17.29 -2.85
CA THR C 182 1.98 15.95 -2.47
C THR C 182 0.77 15.44 -3.25
N VAL C 183 -0.26 16.27 -3.33
CA VAL C 183 -1.48 15.95 -4.06
C VAL C 183 -1.21 15.78 -5.56
N ALA C 184 -0.42 16.65 -6.13
CA ALA C 184 0.01 16.49 -7.53
C ALA C 184 0.73 15.16 -7.81
N LYS C 185 1.61 14.75 -6.90
CA LYS C 185 2.29 13.47 -7.05
C LYS C 185 1.32 12.31 -6.90
N SER C 186 0.35 12.40 -6.00
CA SER C 186 -0.63 11.32 -5.90
C SER C 186 -1.39 11.21 -7.25
N ALA C 187 -1.66 12.34 -7.87
CA ALA C 187 -2.32 12.36 -9.18
C ALA C 187 -1.42 11.80 -10.24
N LEU C 188 -0.16 12.19 -10.21
CA LEU C 188 0.82 11.70 -11.18
C LEU C 188 0.90 10.20 -11.09
N GLU C 189 0.83 9.65 -9.90
CA GLU C 189 0.99 8.22 -9.74
C GLU C 189 -0.12 7.50 -10.46
N SER C 190 -1.33 8.08 -10.42
CA SER C 190 -2.53 7.49 -11.04
C SER C 190 -2.40 7.71 -12.57
N VAL C 191 -1.99 8.90 -12.96
CA VAL C 191 -1.80 9.19 -14.38
C VAL C 191 -0.86 8.18 -14.99
N ASN C 192 0.17 7.82 -14.26
CA ASN C 192 1.19 6.91 -14.78
C ASN C 192 0.57 5.54 -15.08
N ARG C 193 -0.30 5.06 -14.25
CA ARG C 193 -0.90 3.78 -14.49
C ARG C 193 -1.78 3.79 -15.71
N PHE C 194 -2.44 4.91 -16.00
CA PHE C 194 -3.23 5.00 -17.21
C PHE C 194 -2.35 5.12 -18.48
N VAL C 195 -1.26 5.88 -18.40
CA VAL C 195 -0.32 6.01 -19.51
C VAL C 195 0.23 4.65 -19.84
N ALA C 196 0.48 3.83 -18.84
CA ALA C 196 1.00 2.47 -19.06
C ALA C 196 0.12 1.63 -19.92
N ARG C 197 -1.19 1.79 -19.75
CA ARG C 197 -2.19 1.17 -20.62
C ARG C 197 -2.11 1.58 -22.07
N GLU C 198 -2.07 2.89 -22.29
CA GLU C 198 -1.94 3.43 -23.64
C GLU C 198 -0.57 3.04 -24.21
N ALA C 199 0.47 3.22 -23.44
CA ALA C 199 1.85 2.90 -23.88
C ALA C 199 2.02 1.45 -24.23
N GLY C 200 1.26 0.60 -23.54
CA GLY C 200 1.21 -0.84 -23.76
C GLY C 200 0.88 -1.20 -25.18
N LYS C 201 -0.04 -0.46 -25.82
CA LYS C 201 -0.41 -0.73 -27.22
C LYS C 201 0.76 -0.60 -28.16
N TYR C 202 1.78 0.17 -27.77
CA TYR C 202 2.99 0.37 -28.54
C TYR C 202 4.15 -0.51 -28.13
N GLY C 203 3.97 -1.36 -27.14
CA GLY C 203 5.09 -2.16 -26.61
C GLY C 203 6.00 -1.35 -25.70
N VAL C 204 5.42 -0.30 -25.11
CA VAL C 204 6.15 0.68 -24.28
C VAL C 204 5.77 0.63 -22.80
N ARG C 205 6.82 0.70 -22.00
CA ARG C 205 6.66 0.78 -20.56
C ARG C 205 6.54 2.24 -20.10
N SER C 206 5.82 2.42 -18.99
CA SER C 206 5.70 3.71 -18.31
CA SER C 206 5.70 3.71 -18.31
C SER C 206 5.86 3.50 -16.80
N ASN C 207 6.84 4.16 -16.21
CA ASN C 207 7.09 4.01 -14.76
C ASN C 207 7.53 5.31 -14.16
N LEU C 208 7.49 5.41 -12.84
CA LEU C 208 7.98 6.57 -12.14
C LEU C 208 9.13 6.10 -11.31
N VAL C 209 10.14 6.94 -11.13
CA VAL C 209 11.12 6.76 -10.02
C VAL C 209 10.78 7.66 -8.84
N ALA C 210 10.63 7.05 -7.67
CA ALA C 210 10.31 7.84 -6.51
C ALA C 210 11.62 8.09 -5.85
N ALA C 211 12.16 9.27 -5.99
CA ALA C 211 13.51 9.56 -5.47
C ALA C 211 13.40 10.10 -4.08
N GLY C 212 14.47 9.85 -3.34
CA GLY C 212 14.75 10.64 -2.12
C GLY C 212 15.12 12.07 -2.45
N PRO C 213 15.24 12.93 -1.43
CA PRO C 213 15.50 14.34 -1.71
C PRO C 213 16.89 14.62 -2.35
N ILE C 214 16.90 15.60 -3.26
CA ILE C 214 18.12 16.05 -3.92
C ILE C 214 18.18 17.58 -3.95
N ARG C 215 19.31 18.20 -3.51
CA ARG C 215 19.54 19.68 -3.66
C ARG C 215 19.52 20.04 -5.16
N THR C 216 18.37 20.55 -5.54
CA THR C 216 18.12 21.07 -6.86
C THR C 216 17.46 22.44 -6.70
N LEU C 217 17.33 23.15 -7.80
CA LEU C 217 16.70 24.44 -7.76
C LEU C 217 15.34 24.42 -7.16
N ALA C 218 14.52 23.44 -7.54
CA ALA C 218 13.13 23.39 -7.10
C ALA C 218 13.10 23.16 -5.61
N MET C 219 14.04 22.38 -5.07
CA MET C 219 14.07 22.21 -3.64
C MET C 219 14.23 23.58 -2.89
N SER C 220 15.18 24.38 -3.36
CA SER C 220 15.51 25.66 -2.73
C SER C 220 14.42 26.70 -2.92
N ALA C 221 14.33 27.19 -4.15
CA ALA C 221 13.52 28.41 -4.44
C ALA C 221 12.02 28.15 -4.35
N ILE C 222 11.53 26.91 -4.55
CA ILE C 222 10.11 26.66 -4.36
C ILE C 222 9.86 26.14 -2.95
N VAL C 223 10.79 25.44 -2.29
CA VAL C 223 10.48 24.80 -1.00
C VAL C 223 11.22 25.54 0.14
N GLY C 224 12.57 25.48 0.21
CA GLY C 224 13.38 26.38 1.12
C GLY C 224 12.97 27.89 1.17
N GLY C 225 12.60 28.43 0.00
CA GLY C 225 12.00 29.74 -0.10
C GLY C 225 10.50 29.73 0.09
N ALA C 226 9.90 28.57 0.42
CA ALA C 226 8.48 28.49 0.75
C ALA C 226 8.31 28.61 2.24
N LEU C 227 9.44 28.74 2.96
CA LEU C 227 9.42 28.96 4.41
C LEU C 227 10.23 30.18 5.04
N GLY C 228 11.30 30.70 4.41
CA GLY C 228 12.09 31.83 4.96
C GLY C 228 12.91 31.55 6.24
N GLU C 229 12.28 31.68 7.43
CA GLU C 229 13.00 31.60 8.76
C GLU C 229 13.00 30.22 9.45
N GLU C 230 11.89 29.83 10.14
CA GLU C 230 11.64 28.43 10.64
C GLU C 230 11.70 27.35 9.51
N ALA C 231 11.47 27.78 8.28
CA ALA C 231 12.22 27.42 7.10
C ALA C 231 13.51 26.61 7.20
N GLY C 232 14.42 26.80 6.25
CA GLY C 232 15.42 25.87 5.77
C GLY C 232 16.30 25.03 6.65
N ALA C 233 16.27 25.22 7.96
CA ALA C 233 16.76 24.14 8.86
C ALA C 233 15.63 23.09 9.14
N GLN C 234 14.35 23.48 9.02
CA GLN C 234 13.27 22.51 9.12
C GLN C 234 13.06 21.63 7.87
N ILE C 235 13.52 22.07 6.69
CA ILE C 235 13.89 21.16 5.60
C ILE C 235 14.78 20.11 6.30
N GLN C 236 15.99 20.51 6.68
CA GLN C 236 17.08 19.57 7.12
C GLN C 236 16.65 18.35 7.98
N LEU C 237 15.89 18.59 9.07
CA LEU C 237 15.53 17.52 10.00
C LEU C 237 14.65 16.50 9.30
N LEU C 238 13.64 17.00 8.60
CA LEU C 238 12.71 16.16 7.86
C LEU C 238 13.44 15.31 6.80
N GLU C 239 14.46 15.86 6.16
CA GLU C 239 15.20 15.10 5.21
C GLU C 239 16.14 14.12 5.81
N GLU C 240 16.45 14.22 7.10
CA GLU C 240 17.08 13.08 7.78
C GLU C 240 16.04 12.05 8.31
N GLY C 241 14.72 12.29 8.23
CA GLY C 241 13.67 11.21 7.90
C GLY C 241 13.76 10.47 6.49
N TRP C 242 14.97 10.56 5.86
CA TRP C 242 15.56 9.68 4.82
C TRP C 242 16.93 9.12 5.22
N ASP C 243 17.97 9.91 5.38
CA ASP C 243 19.29 9.33 5.68
C ASP C 243 19.26 8.35 6.87
N GLN C 244 18.54 8.73 7.93
CA GLN C 244 18.38 7.88 9.15
C GLN C 244 17.73 6.56 8.83
N ARG C 245 16.55 6.65 8.20
CA ARG C 245 15.73 5.46 7.90
C ARG C 245 16.38 4.54 6.88
N ALA C 246 17.08 5.11 5.89
CA ALA C 246 17.67 4.36 4.79
C ALA C 246 18.69 3.35 5.26
N PRO C 247 18.47 2.05 4.99
CA PRO C 247 19.45 1.11 5.45
C PRO C 247 20.80 1.24 4.80
N ILE C 248 20.86 1.83 3.61
CA ILE C 248 22.13 2.13 2.94
C ILE C 248 22.41 3.61 2.90
N GLY C 249 21.66 4.42 3.65
CA GLY C 249 21.82 5.86 3.67
C GLY C 249 21.38 6.64 2.43
N TRP C 250 21.38 7.95 2.60
CA TRP C 250 20.94 8.88 1.58
C TRP C 250 21.73 10.16 1.63
N ASN C 251 22.19 10.53 0.47
CA ASN C 251 22.99 11.70 0.31
C ASN C 251 22.29 12.69 -0.60
N MET C 252 21.74 13.74 -0.02
CA MET C 252 20.98 14.69 -0.80
C MET C 252 21.76 15.41 -1.91
N LYS C 253 23.10 15.35 -1.86
CA LYS C 253 23.95 16.08 -2.81
C LYS C 253 24.37 15.24 -4.00
N ASP C 254 23.96 13.96 -4.02
CA ASP C 254 24.38 13.01 -5.03
C ASP C 254 23.16 12.51 -5.80
N ALA C 255 22.96 13.05 -6.98
CA ALA C 255 21.89 12.55 -7.85
C ALA C 255 22.23 11.28 -8.63
N THR C 256 23.50 10.87 -8.63
CA THR C 256 23.89 9.73 -9.45
C THR C 256 22.96 8.54 -9.20
N PRO C 257 22.80 8.07 -7.92
CA PRO C 257 21.94 6.91 -7.66
C PRO C 257 20.55 7.00 -8.24
N VAL C 258 19.95 8.16 -8.21
CA VAL C 258 18.65 8.35 -8.87
C VAL C 258 18.80 8.26 -10.40
N ALA C 259 19.78 8.95 -10.97
CA ALA C 259 19.99 8.93 -12.42
C ALA C 259 20.21 7.52 -12.94
N LYS C 260 20.94 6.71 -12.18
CA LYS C 260 21.23 5.33 -12.56
C LYS C 260 19.94 4.54 -12.52
N THR C 261 19.18 4.70 -11.43
CA THR C 261 17.90 4.02 -11.29
C THR C 261 17.03 4.34 -12.50
N VAL C 262 16.96 5.60 -12.95
CA VAL C 262 16.17 5.96 -14.15
C VAL C 262 16.70 5.25 -15.42
N CYS C 263 18.00 5.27 -15.60
CA CYS C 263 18.59 4.59 -16.73
C CYS C 263 18.26 3.10 -16.74
N ALA C 264 18.18 2.49 -15.56
CA ALA C 264 17.83 1.10 -15.46
C ALA C 264 16.46 0.90 -16.11
N LEU C 265 15.50 1.76 -15.78
CA LEU C 265 14.18 1.68 -16.45
C LEU C 265 14.17 1.98 -17.97
N LEU C 266 15.11 2.80 -18.40
CA LEU C 266 15.26 3.08 -19.80
C LEU C 266 15.88 1.89 -20.52
N SER C 267 16.65 1.10 -19.79
CA SER C 267 17.35 -0.04 -20.40
C SER C 267 16.44 -1.21 -20.69
N ASP C 268 17.00 -2.25 -21.31
CA ASP C 268 16.25 -3.48 -21.52
C ASP C 268 16.13 -4.40 -20.31
N TRP C 269 16.59 -3.97 -19.14
CA TRP C 269 16.76 -4.89 -18.01
C TRP C 269 15.66 -4.87 -16.97
N LEU C 270 14.62 -4.07 -17.20
CA LEU C 270 13.41 -4.15 -16.40
C LEU C 270 12.17 -4.32 -17.31
N PRO C 271 12.20 -5.32 -18.19
CA PRO C 271 11.25 -5.38 -19.27
C PRO C 271 9.85 -5.77 -18.93
N ALA C 272 9.59 -6.10 -17.67
CA ALA C 272 8.27 -6.60 -17.30
C ALA C 272 7.64 -5.75 -16.25
N THR C 273 8.06 -4.48 -16.16
CA THR C 273 7.60 -3.57 -15.12
C THR C 273 7.01 -2.33 -15.80
N THR C 274 5.70 -2.13 -15.66
CA THR C 274 5.04 -0.97 -16.27
C THR C 274 3.88 -0.59 -15.35
N GLY C 275 3.51 0.68 -15.38
CA GLY C 275 2.44 1.24 -14.54
C GLY C 275 2.92 1.42 -13.12
N ASP C 276 4.23 1.37 -12.91
CA ASP C 276 4.74 1.05 -11.58
C ASP C 276 5.65 2.14 -11.09
N ILE C 277 6.14 1.95 -9.85
CA ILE C 277 6.96 2.91 -9.13
C ILE C 277 8.15 2.18 -8.57
N ILE C 278 9.33 2.73 -8.86
CA ILE C 278 10.61 2.25 -8.33
C ILE C 278 11.22 3.27 -7.41
N TYR C 279 11.51 2.83 -6.20
CA TYR C 279 11.97 3.73 -5.14
C TYR C 279 13.49 3.75 -5.21
N ALA C 280 13.99 4.93 -5.59
CA ALA C 280 15.43 5.26 -5.41
C ALA C 280 15.58 6.19 -4.23
N ASP C 281 15.41 5.61 -3.03
CA ASP C 281 15.40 6.44 -1.80
C ASP C 281 16.22 5.85 -0.65
N GLY C 282 17.22 5.07 -1.01
CA GLY C 282 18.05 4.37 -0.04
C GLY C 282 17.29 3.38 0.85
N GLY C 283 16.10 3.01 0.41
CA GLY C 283 15.23 2.14 1.18
C GLY C 283 14.39 2.81 2.25
N ALA C 284 14.46 4.14 2.35
CA ALA C 284 13.81 4.82 3.44
C ALA C 284 12.33 4.54 3.56
N HIS C 285 11.62 4.34 2.45
CA HIS C 285 10.18 4.16 2.54
C HIS C 285 9.75 2.82 3.08
N THR C 286 10.70 1.89 3.20
CA THR C 286 10.49 0.54 3.77
C THR C 286 10.71 0.50 5.28
N GLN C 287 11.13 1.61 5.86
CA GLN C 287 11.54 1.67 7.25
C GLN C 287 10.74 2.76 8.00
N LEU C 288 10.18 2.42 9.13
CA LEU C 288 9.45 3.37 9.94
C LEU C 288 10.38 4.11 10.80
N LEU C 289 11.42 3.45 11.27
CA LEU C 289 12.58 4.13 11.86
C LEU C 289 13.85 3.24 11.79
N THR D 22 -32.06 4.80 21.92
CA THR D 22 -30.78 5.49 21.54
C THR D 22 -30.32 5.24 20.07
N GLY D 23 -30.48 6.30 19.29
CA GLY D 23 -29.75 6.45 18.06
C GLY D 23 -28.23 6.49 18.24
N LEU D 24 -27.56 5.83 17.31
CA LEU D 24 -26.11 5.97 17.16
C LEU D 24 -25.63 7.39 17.06
N LEU D 25 -26.45 8.31 16.55
CA LEU D 25 -26.04 9.70 16.41
C LEU D 25 -26.98 10.65 17.18
N ASP D 26 -27.50 10.23 18.34
CA ASP D 26 -28.42 11.10 19.12
C ASP D 26 -27.89 12.52 19.26
N GLY D 27 -28.79 13.44 18.93
CA GLY D 27 -28.55 14.88 18.94
C GLY D 27 -27.26 15.37 18.32
N LYS D 28 -26.82 14.76 17.24
CA LYS D 28 -25.64 15.26 16.54
C LYS D 28 -26.14 16.09 15.36
N ARG D 29 -25.42 17.16 15.07
CA ARG D 29 -25.76 18.06 13.97
C ARG D 29 -24.80 17.81 12.84
N ILE D 30 -25.31 17.30 11.73
CA ILE D 30 -24.48 16.84 10.63
C ILE D 30 -24.89 17.46 9.28
N LEU D 31 -23.96 18.12 8.60
CA LEU D 31 -24.21 18.58 7.23
C LEU D 31 -24.02 17.42 6.25
N VAL D 32 -24.94 17.31 5.29
CA VAL D 32 -24.87 16.29 4.24
C VAL D 32 -25.02 16.85 2.82
N SER D 33 -23.91 16.87 2.10
CA SER D 33 -23.90 17.33 0.72
C SER D 33 -24.17 16.15 -0.21
N GLY D 34 -24.54 16.45 -1.45
CA GLY D 34 -24.47 15.49 -2.56
C GLY D 34 -25.71 14.70 -2.93
N ILE D 35 -26.86 15.13 -2.41
CA ILE D 35 -28.13 14.50 -2.78
C ILE D 35 -28.61 15.12 -4.09
N ILE D 36 -29.10 14.27 -5.00
CA ILE D 36 -29.71 14.72 -6.28
C ILE D 36 -30.83 13.81 -6.69
N THR D 37 -30.71 12.50 -6.52
CA THR D 37 -31.89 11.64 -6.63
C THR D 37 -32.00 10.82 -5.36
N ASP D 38 -33.02 9.98 -5.27
CA ASP D 38 -33.17 9.13 -4.09
C ASP D 38 -32.35 7.83 -4.18
N SER D 39 -31.56 7.69 -5.24
CA SER D 39 -30.55 6.65 -5.37
C SER D 39 -29.17 7.13 -4.92
N SER D 40 -28.99 8.45 -4.85
CA SER D 40 -27.74 9.07 -4.42
C SER D 40 -27.21 8.45 -3.14
N ILE D 41 -25.90 8.21 -3.07
CA ILE D 41 -25.34 7.69 -1.84
C ILE D 41 -25.63 8.68 -0.72
N ALA D 42 -25.36 9.96 -0.96
CA ALA D 42 -25.76 11.02 0.00
C ALA D 42 -27.16 10.84 0.63
N PHE D 43 -28.18 10.53 -0.18
CA PHE D 43 -29.54 10.31 0.32
C PHE D 43 -29.59 9.19 1.38
N HIS D 44 -29.03 8.04 1.06
CA HIS D 44 -29.06 6.96 2.00
C HIS D 44 -28.25 7.26 3.29
N ILE D 45 -27.14 8.00 3.16
CA ILE D 45 -26.39 8.47 4.32
C ILE D 45 -27.33 9.29 5.22
N ALA D 46 -28.02 10.24 4.61
CA ALA D 46 -28.95 11.10 5.34
C ALA D 46 -30.07 10.31 6.00
N ARG D 47 -30.67 9.37 5.27
CA ARG D 47 -31.77 8.56 5.83
C ARG D 47 -31.31 7.79 7.06
N VAL D 48 -30.09 7.28 7.00
CA VAL D 48 -29.59 6.42 8.05
C VAL D 48 -29.19 7.32 9.22
N ALA D 49 -28.54 8.45 8.93
CA ALA D 49 -28.20 9.41 9.98
C ALA D 49 -29.44 9.86 10.74
N GLN D 50 -30.53 10.12 10.00
CA GLN D 50 -31.79 10.51 10.66
C GLN D 50 -32.40 9.37 11.45
N GLU D 51 -32.45 8.17 10.89
CA GLU D 51 -32.88 6.99 11.64
C GLU D 51 -32.16 6.85 12.98
N GLN D 52 -30.89 7.25 13.03
CA GLN D 52 -30.10 7.22 14.25
C GLN D 52 -30.04 8.57 15.00
N GLY D 53 -31.06 9.41 14.84
CA GLY D 53 -31.24 10.55 15.73
C GLY D 53 -30.43 11.79 15.42
N ALA D 54 -29.92 11.90 14.19
CA ALA D 54 -29.19 13.10 13.84
C ALA D 54 -30.16 14.15 13.35
N GLN D 55 -29.87 15.42 13.62
CA GLN D 55 -30.58 16.55 12.99
C GLN D 55 -29.64 17.02 11.91
N LEU D 56 -30.13 17.05 10.66
CA LEU D 56 -29.29 17.29 9.47
C LEU D 56 -29.42 18.69 8.97
N VAL D 57 -28.44 19.08 8.15
CA VAL D 57 -28.49 20.27 7.31
C VAL D 57 -28.03 19.85 5.93
N LEU D 58 -28.90 19.92 4.94
CA LEU D 58 -28.61 19.36 3.63
C LEU D 58 -28.02 20.40 2.70
N THR D 59 -27.10 20.00 1.80
CA THR D 59 -26.75 20.84 0.67
C THR D 59 -27.04 20.12 -0.63
N GLY D 60 -27.28 20.99 -1.63
CA GLY D 60 -27.51 20.62 -3.02
C GLY D 60 -27.04 21.71 -3.97
N PHE D 61 -26.96 21.34 -5.24
CA PHE D 61 -26.28 22.12 -6.31
C PHE D 61 -27.21 22.30 -7.52
N ASP D 62 -27.40 23.55 -7.97
CA ASP D 62 -28.04 23.88 -9.28
C ASP D 62 -29.58 23.72 -9.33
N ARG D 63 -30.06 22.47 -9.16
CA ARG D 63 -31.48 22.07 -9.21
C ARG D 63 -32.10 21.93 -7.79
N LEU D 64 -32.18 23.06 -7.08
CA LEU D 64 -32.65 23.08 -5.70
C LEU D 64 -34.14 22.72 -5.57
N ARG D 65 -34.93 23.17 -6.52
CA ARG D 65 -36.33 22.86 -6.51
C ARG D 65 -36.51 21.34 -6.58
N LEU D 66 -35.75 20.69 -7.45
CA LEU D 66 -35.90 19.24 -7.72
C LEU D 66 -35.32 18.45 -6.55
N ILE D 67 -34.23 18.95 -5.98
CA ILE D 67 -33.61 18.32 -4.80
C ILE D 67 -34.59 18.34 -3.59
N GLN D 68 -35.36 19.42 -3.49
CA GLN D 68 -36.27 19.61 -2.38
C GLN D 68 -37.45 18.58 -2.38
N ARG D 69 -37.96 18.21 -3.57
CA ARG D 69 -38.95 17.10 -3.66
C ARG D 69 -38.31 15.84 -3.11
N ILE D 70 -37.04 15.63 -3.45
CA ILE D 70 -36.33 14.42 -3.08
C ILE D 70 -36.09 14.35 -1.58
N THR D 71 -35.61 15.43 -1.00
CA THR D 71 -35.39 15.46 0.45
C THR D 71 -36.67 15.36 1.28
N ASP D 72 -37.83 15.77 0.74
CA ASP D 72 -39.10 15.62 1.47
C ASP D 72 -39.39 14.13 1.81
N ARG D 73 -38.89 13.22 0.96
CA ARG D 73 -38.99 11.76 1.18
C ARG D 73 -38.07 11.18 2.26
N LEU D 74 -37.11 11.95 2.79
CA LEU D 74 -36.35 11.53 3.97
C LEU D 74 -37.23 11.45 5.19
N PRO D 75 -36.83 10.64 6.21
CA PRO D 75 -37.71 10.51 7.38
C PRO D 75 -38.06 11.79 8.10
N ALA D 76 -37.19 12.79 8.08
CA ALA D 76 -37.46 14.11 8.66
C ALA D 76 -37.14 15.22 7.66
N LYS D 77 -37.91 16.31 7.68
CA LYS D 77 -37.54 17.51 6.89
C LYS D 77 -36.32 18.11 7.54
N ALA D 78 -35.53 18.82 6.76
CA ALA D 78 -34.27 19.41 7.23
C ALA D 78 -33.87 20.54 6.28
N PRO D 79 -33.34 21.64 6.80
CA PRO D 79 -33.10 22.81 5.94
C PRO D 79 -32.19 22.48 4.78
N LEU D 80 -32.36 23.14 3.64
CA LEU D 80 -31.61 22.83 2.45
C LEU D 80 -30.88 24.09 2.04
N LEU D 81 -29.58 23.99 1.75
CA LEU D 81 -28.77 25.15 1.39
C LEU D 81 -28.07 24.95 0.05
N GLU D 82 -27.97 26.02 -0.72
CA GLU D 82 -27.34 25.95 -2.01
C GLU D 82 -25.83 26.00 -1.78
N LEU D 83 -25.14 25.06 -2.44
CA LEU D 83 -23.68 24.96 -2.38
C LEU D 83 -23.17 24.36 -3.68
N ASP D 84 -22.47 25.17 -4.44
CA ASP D 84 -21.82 24.81 -5.69
C ASP D 84 -20.41 24.97 -5.22
N VAL D 85 -19.68 23.85 -5.07
CA VAL D 85 -18.33 23.92 -4.51
C VAL D 85 -17.34 24.71 -5.33
N GLN D 86 -17.72 25.13 -6.53
CA GLN D 86 -16.92 26.07 -7.34
C GLN D 86 -17.15 27.56 -7.10
N ASN D 87 -18.08 27.89 -6.22
CA ASN D 87 -18.57 29.23 -6.04
C ASN D 87 -17.95 29.89 -4.83
N GLU D 88 -16.90 30.64 -5.08
CA GLU D 88 -16.32 31.51 -4.10
C GLU D 88 -17.30 31.98 -3.06
N GLU D 89 -18.30 32.72 -3.51
CA GLU D 89 -19.24 33.35 -2.58
C GLU D 89 -20.03 32.33 -1.76
N HIS D 90 -20.41 31.18 -2.33
CA HIS D 90 -21.19 30.20 -1.56
C HIS D 90 -20.40 29.66 -0.39
N LEU D 91 -19.11 29.41 -0.59
CA LEU D 91 -18.27 28.85 0.46
C LEU D 91 -18.03 29.89 1.56
N ALA D 92 -17.58 31.08 1.17
CA ALA D 92 -17.47 32.24 2.11
C ALA D 92 -18.72 32.44 2.98
N SER D 93 -19.89 32.29 2.37
CA SER D 93 -21.16 32.46 3.06
C SER D 93 -21.60 31.22 3.84
N LEU D 94 -21.22 30.04 3.39
CA LEU D 94 -21.76 28.75 3.93
C LEU D 94 -21.75 28.63 5.46
N ALA D 95 -20.62 29.00 6.04
CA ALA D 95 -20.40 28.90 7.47
C ALA D 95 -21.55 29.61 8.23
N GLY D 96 -21.83 30.85 7.85
CA GLY D 96 -22.90 31.64 8.46
C GLY D 96 -24.34 31.21 8.14
N ARG D 97 -24.55 30.72 6.91
CA ARG D 97 -25.85 30.22 6.49
C ARG D 97 -26.21 28.94 7.26
N VAL D 98 -25.19 28.16 7.64
CA VAL D 98 -25.39 26.96 8.43
C VAL D 98 -25.67 27.31 9.88
N THR D 99 -24.87 28.21 10.47
CA THR D 99 -25.06 28.66 11.88
C THR D 99 -26.50 29.14 12.07
N GLU D 100 -27.01 29.87 11.08
CA GLU D 100 -28.39 30.39 11.11
C GLU D 100 -29.47 29.30 10.94
N ALA D 101 -29.14 28.23 10.22
CA ALA D 101 -30.04 27.10 10.04
C ALA D 101 -30.15 26.18 11.27
N ILE D 102 -29.10 26.07 12.09
CA ILE D 102 -29.06 25.14 13.26
C ILE D 102 -29.20 25.81 14.63
N GLY D 103 -29.21 27.13 14.67
CA GLY D 103 -29.22 27.87 15.93
C GLY D 103 -27.89 28.54 16.20
N ALA D 104 -27.91 29.87 16.35
CA ALA D 104 -26.72 30.67 16.67
C ALA D 104 -26.15 30.15 17.99
N GLY D 105 -24.84 30.00 18.07
CA GLY D 105 -24.20 29.41 19.26
C GLY D 105 -24.15 27.87 19.27
N ASN D 106 -24.67 27.21 18.24
CA ASN D 106 -24.36 25.80 17.97
C ASN D 106 -23.38 25.58 16.82
N LYS D 107 -22.87 24.36 16.77
CA LYS D 107 -21.91 23.97 15.79
C LYS D 107 -22.27 22.59 15.25
N LEU D 108 -21.54 22.20 14.21
CA LEU D 108 -21.71 20.90 13.61
C LEU D 108 -20.85 19.92 14.35
N ASP D 109 -21.32 18.66 14.39
CA ASP D 109 -20.54 17.50 14.84
C ASP D 109 -20.12 16.60 13.67
N GLY D 110 -20.73 16.81 12.51
CA GLY D 110 -20.41 15.99 11.33
C GLY D 110 -20.54 16.73 10.02
N VAL D 111 -19.77 16.31 9.02
CA VAL D 111 -19.82 16.86 7.65
C VAL D 111 -19.55 15.70 6.64
N VAL D 112 -20.45 15.56 5.66
CA VAL D 112 -20.36 14.51 4.66
C VAL D 112 -20.23 15.11 3.28
N HIS D 113 -19.09 14.84 2.65
CA HIS D 113 -18.83 15.27 1.28
C HIS D 113 -19.13 14.07 0.39
N SER D 114 -20.19 14.19 -0.42
CA SER D 114 -20.61 13.14 -1.32
C SER D 114 -20.83 13.73 -2.69
N ILE D 115 -19.74 14.25 -3.23
CA ILE D 115 -19.75 15.08 -4.41
C ILE D 115 -18.70 14.61 -5.42
N GLY D 116 -19.09 14.60 -6.68
CA GLY D 116 -18.17 14.30 -7.76
C GLY D 116 -18.66 14.86 -9.09
N PHE D 117 -17.73 15.05 -10.00
CA PHE D 117 -18.04 15.42 -11.36
C PHE D 117 -16.84 15.19 -12.25
N MET D 118 -17.09 14.83 -13.51
CA MET D 118 -16.05 14.80 -14.51
C MET D 118 -16.75 14.96 -15.85
N PRO D 119 -16.27 15.89 -16.69
CA PRO D 119 -16.74 15.97 -18.04
C PRO D 119 -16.67 14.63 -18.77
N GLN D 120 -17.57 14.51 -19.79
CA GLN D 120 -17.66 13.34 -20.62
C GLN D 120 -16.37 12.91 -21.29
N THR D 121 -15.54 13.91 -21.62
CA THR D 121 -14.24 13.71 -22.25
C THR D 121 -13.25 12.92 -21.42
N GLY D 122 -13.40 12.94 -20.10
CA GLY D 122 -12.45 12.27 -19.22
C GLY D 122 -12.85 10.92 -18.71
N MET D 123 -13.62 10.21 -19.52
CA MET D 123 -14.41 9.13 -18.97
C MET D 123 -15.00 8.25 -20.06
N GLY D 124 -15.16 6.98 -19.72
CA GLY D 124 -15.75 5.99 -20.62
C GLY D 124 -14.84 5.64 -21.79
N ILE D 125 -15.47 5.43 -22.95
CA ILE D 125 -14.75 5.12 -24.18
C ILE D 125 -13.94 6.27 -24.81
N ASN D 126 -14.01 7.48 -24.29
CA ASN D 126 -13.29 8.58 -24.87
C ASN D 126 -11.82 8.47 -24.48
N PRO D 127 -10.92 8.41 -25.47
CA PRO D 127 -9.52 8.18 -25.18
C PRO D 127 -8.99 9.03 -24.03
N PHE D 128 -8.19 8.38 -23.20
CA PHE D 128 -7.64 9.02 -22.04
C PHE D 128 -6.79 10.19 -22.46
N PHE D 129 -6.04 10.01 -23.57
CA PHE D 129 -5.18 11.12 -23.99
C PHE D 129 -5.95 12.30 -24.60
N ASP D 130 -7.24 12.16 -24.89
CA ASP D 130 -8.00 13.24 -25.51
C ASP D 130 -8.67 14.19 -24.52
N ALA D 131 -8.63 13.92 -23.23
CA ALA D 131 -9.33 14.82 -22.30
C ALA D 131 -8.50 16.09 -22.16
N PRO D 132 -9.04 17.25 -22.55
CA PRO D 132 -8.24 18.46 -22.40
C PRO D 132 -8.20 18.90 -20.93
N TYR D 133 -7.09 19.53 -20.55
CA TYR D 133 -6.88 19.85 -19.14
C TYR D 133 -8.00 20.72 -18.53
N ALA D 134 -8.60 21.59 -19.33
CA ALA D 134 -9.67 22.45 -18.81
C ALA D 134 -10.70 21.54 -18.14
N ASP D 135 -11.02 20.44 -18.84
CA ASP D 135 -12.05 19.50 -18.39
C ASP D 135 -11.58 18.66 -17.21
N VAL D 136 -10.34 18.18 -17.26
CA VAL D 136 -9.83 17.39 -16.15
C VAL D 136 -9.80 18.24 -14.90
N SER D 137 -9.22 19.44 -15.03
CA SER D 137 -9.17 20.43 -13.93
C SER D 137 -10.51 20.70 -13.25
N LYS D 138 -11.57 20.81 -14.05
CA LYS D 138 -12.92 20.99 -13.52
C LYS D 138 -13.31 19.82 -12.66
N GLY D 139 -13.03 18.60 -13.12
CA GLY D 139 -13.32 17.39 -12.34
C GLY D 139 -12.54 17.32 -11.04
N ILE D 140 -11.24 17.61 -11.10
CA ILE D 140 -10.42 17.64 -9.91
C ILE D 140 -10.89 18.72 -8.93
N HIS D 141 -11.27 19.88 -9.46
CA HIS D 141 -11.84 20.96 -8.63
C HIS D 141 -13.01 20.40 -7.87
N ILE D 142 -13.98 19.86 -8.59
CA ILE D 142 -15.23 19.49 -7.94
C ILE D 142 -15.09 18.26 -7.07
N SER D 143 -14.32 17.27 -7.52
CA SER D 143 -14.25 15.97 -6.87
C SER D 143 -13.21 15.81 -5.75
N ALA D 144 -12.18 16.69 -5.72
CA ALA D 144 -11.00 16.57 -4.81
C ALA D 144 -10.70 17.81 -4.03
N TYR D 145 -10.49 18.92 -4.74
CA TYR D 145 -10.18 20.20 -4.07
C TYR D 145 -11.31 20.61 -3.17
N SER D 146 -12.54 20.38 -3.62
CA SER D 146 -13.71 20.77 -2.84
C SER D 146 -13.73 20.16 -1.46
N TYR D 147 -13.13 18.99 -1.28
CA TYR D 147 -13.06 18.39 0.05
C TYR D 147 -12.29 19.30 1.01
N ALA D 148 -11.24 19.93 0.50
CA ALA D 148 -10.48 20.92 1.28
C ALA D 148 -11.28 22.23 1.48
N SER D 149 -11.92 22.74 0.43
CA SER D 149 -12.66 23.98 0.59
C SER D 149 -13.90 23.80 1.44
N MET D 150 -14.53 22.63 1.44
CA MET D 150 -15.61 22.35 2.40
C MET D 150 -15.10 22.34 3.83
N ALA D 151 -13.98 21.63 4.04
CA ALA D 151 -13.34 21.60 5.34
C ALA D 151 -12.94 22.98 5.88
N LYS D 152 -12.38 23.80 4.99
CA LYS D 152 -12.04 25.21 5.32
C LYS D 152 -13.26 25.99 5.79
N ALA D 153 -14.36 25.87 5.08
CA ALA D 153 -15.57 26.65 5.34
C ALA D 153 -16.21 26.28 6.66
N LEU D 154 -16.11 24.98 7.00
CA LEU D 154 -16.89 24.38 8.08
C LEU D 154 -16.15 24.09 9.38
N LEU D 155 -14.85 23.84 9.35
CA LEU D 155 -14.11 23.57 10.61
C LEU D 155 -14.31 24.64 11.70
N PRO D 156 -14.28 25.94 11.35
CA PRO D 156 -14.55 26.94 12.40
C PRO D 156 -15.87 26.76 13.18
N ILE D 157 -16.87 26.12 12.56
CA ILE D 157 -18.14 25.83 13.24
C ILE D 157 -18.32 24.33 13.52
N MET D 158 -17.21 23.63 13.78
CA MET D 158 -17.29 22.22 14.17
C MET D 158 -16.80 22.01 15.61
N ASN D 159 -17.53 21.15 16.35
CA ASN D 159 -17.15 20.80 17.71
C ASN D 159 -16.01 19.83 17.77
N PRO D 160 -15.26 19.86 18.89
CA PRO D 160 -14.30 18.80 19.10
C PRO D 160 -15.01 17.47 19.18
N GLY D 161 -14.37 16.43 18.67
CA GLY D 161 -14.98 15.10 18.59
C GLY D 161 -15.57 14.79 17.26
N GLY D 162 -15.94 15.82 16.50
CA GLY D 162 -16.69 15.67 15.26
C GLY D 162 -15.96 14.99 14.14
N SER D 163 -16.70 14.63 13.09
CA SER D 163 -16.12 13.89 11.95
C SER D 163 -16.49 14.48 10.59
N ILE D 164 -15.45 14.74 9.76
CA ILE D 164 -15.61 14.97 8.33
C ILE D 164 -15.42 13.62 7.59
N VAL D 165 -16.36 13.34 6.67
CA VAL D 165 -16.32 12.11 5.84
C VAL D 165 -16.60 12.36 4.36
N GLY D 166 -15.81 11.73 3.49
CA GLY D 166 -15.95 11.89 2.05
C GLY D 166 -16.01 10.52 1.35
N MET D 167 -16.42 10.52 0.07
CA MET D 167 -16.64 9.26 -0.63
C MET D 167 -15.61 9.04 -1.71
N ASP D 168 -15.04 7.85 -1.71
CA ASP D 168 -13.90 7.48 -2.52
C ASP D 168 -14.24 6.25 -3.33
N PHE D 169 -13.55 6.07 -4.46
CA PHE D 169 -13.62 4.79 -5.20
C PHE D 169 -12.21 4.31 -5.49
N ASP D 170 -11.88 3.10 -5.02
CA ASP D 170 -10.48 2.66 -4.92
C ASP D 170 -9.67 2.98 -6.18
N PRO D 171 -8.76 3.97 -6.13
CA PRO D 171 -7.94 4.35 -7.29
C PRO D 171 -6.52 3.80 -7.38
N SER D 172 -6.19 2.93 -6.46
CA SER D 172 -4.92 2.27 -6.33
C SER D 172 -4.34 1.63 -7.63
N ARG D 173 -5.27 1.07 -8.39
CA ARG D 173 -5.03 0.40 -9.62
C ARG D 173 -5.90 1.09 -10.67
N ALA D 174 -5.35 1.19 -11.90
CA ALA D 174 -6.10 1.78 -13.05
C ALA D 174 -7.14 0.78 -13.49
N MET D 175 -8.19 1.25 -14.13
CA MET D 175 -9.24 0.37 -14.64
CA MET D 175 -9.26 0.39 -14.61
C MET D 175 -9.85 0.98 -15.91
N PRO D 176 -10.49 0.16 -16.73
CA PRO D 176 -11.10 0.79 -17.87
C PRO D 176 -12.29 1.69 -17.45
N ALA D 177 -12.58 2.67 -18.31
CA ALA D 177 -13.66 3.68 -18.16
C ALA D 177 -13.47 4.78 -17.15
N TYR D 178 -13.10 4.43 -15.91
CA TYR D 178 -13.10 5.42 -14.81
C TYR D 178 -12.10 6.50 -15.13
N ASN D 179 -11.08 6.16 -15.90
CA ASN D 179 -10.18 7.14 -16.50
C ASN D 179 -9.81 8.32 -15.58
N TRP D 180 -10.07 9.57 -15.99
CA TRP D 180 -9.63 10.71 -15.23
C TRP D 180 -10.37 10.89 -13.92
N MET D 181 -11.54 10.27 -13.72
CA MET D 181 -12.06 10.23 -12.36
C MET D 181 -11.15 9.45 -11.38
N THR D 182 -10.58 8.34 -11.84
CA THR D 182 -9.58 7.61 -11.10
C THR D 182 -8.49 8.55 -10.54
N VAL D 183 -7.99 9.43 -11.41
CA VAL D 183 -6.97 10.39 -11.03
C VAL D 183 -7.47 11.39 -9.99
N ALA D 184 -8.69 11.88 -10.17
CA ALA D 184 -9.31 12.71 -9.16
C ALA D 184 -9.43 12.04 -7.77
N LYS D 185 -9.78 10.76 -7.75
CA LYS D 185 -9.86 10.03 -6.50
C LYS D 185 -8.46 9.84 -5.88
N SER D 186 -7.45 9.59 -6.70
CA SER D 186 -6.10 9.48 -6.14
C SER D 186 -5.73 10.83 -5.48
N ALA D 187 -6.13 11.93 -6.10
CA ALA D 187 -5.90 13.26 -5.53
C ALA D 187 -6.69 13.45 -4.26
N LEU D 188 -7.95 13.04 -4.28
CA LEU D 188 -8.82 13.17 -3.11
C LEU D 188 -8.21 12.43 -1.94
N GLU D 189 -7.60 11.27 -2.20
CA GLU D 189 -7.05 10.47 -1.13
C GLU D 189 -5.95 11.23 -0.43
N SER D 190 -5.17 11.97 -1.21
CA SER D 190 -4.04 12.77 -0.71
C SER D 190 -4.61 14.00 0.01
N VAL D 191 -5.62 14.63 -0.60
CA VAL D 191 -6.21 15.79 0.01
C VAL D 191 -6.72 15.45 1.39
N ASN D 192 -7.28 14.26 1.53
CA ASN D 192 -7.88 13.86 2.80
C ASN D 192 -6.84 13.78 3.90
N ARG D 193 -5.65 13.29 3.59
CA ARG D 193 -4.64 13.23 4.59
C ARG D 193 -4.18 14.59 5.04
N PHE D 194 -4.19 15.58 4.18
CA PHE D 194 -3.83 16.96 4.59
C PHE D 194 -4.95 17.62 5.41
N VAL D 195 -6.21 17.37 5.03
CA VAL D 195 -7.36 17.89 5.76
C VAL D 195 -7.31 17.35 7.17
N ALA D 196 -6.92 16.09 7.32
CA ALA D 196 -6.84 15.47 8.65
C ALA D 196 -5.93 16.19 9.58
N ARG D 197 -4.82 16.69 9.05
CA ARG D 197 -3.91 17.54 9.80
C ARG D 197 -4.52 18.86 10.29
N GLU D 198 -5.19 19.56 9.40
CA GLU D 198 -5.86 20.77 9.74
C GLU D 198 -7.02 20.46 10.71
N ALA D 199 -7.83 19.47 10.39
CA ALA D 199 -8.98 19.10 11.21
C ALA D 199 -8.57 18.68 12.64
N GLY D 200 -7.36 18.10 12.74
CA GLY D 200 -6.76 17.72 14.00
C GLY D 200 -6.68 18.85 15.01
N LYS D 201 -6.36 20.06 14.54
CA LYS D 201 -6.29 21.24 15.44
C LYS D 201 -7.58 21.53 16.15
N TYR D 202 -8.70 21.09 15.57
CA TYR D 202 -10.04 21.26 16.12
C TYR D 202 -10.56 20.04 16.87
N GLY D 203 -9.78 18.98 16.97
CA GLY D 203 -10.27 17.73 17.57
C GLY D 203 -11.19 16.95 16.64
N VAL D 204 -10.98 17.14 15.34
CA VAL D 204 -11.82 16.59 14.27
C VAL D 204 -11.11 15.57 13.41
N ARG D 205 -11.83 14.50 13.13
CA ARG D 205 -11.36 13.47 12.24
C ARG D 205 -11.78 13.76 10.80
N SER D 206 -10.98 13.26 9.86
CA SER D 206 -11.28 13.33 8.41
C SER D 206 -10.95 11.98 7.77
N ASN D 207 -11.95 11.36 7.15
CA ASN D 207 -11.74 10.03 6.53
C ASN D 207 -12.55 9.91 5.27
N LEU D 208 -12.22 8.94 4.44
CA LEU D 208 -12.99 8.67 3.24
C LEU D 208 -13.53 7.29 3.41
N VAL D 209 -14.73 7.05 2.88
CA VAL D 209 -15.21 5.66 2.67
C VAL D 209 -15.04 5.26 1.21
N ALA D 210 -14.38 4.14 0.98
CA ALA D 210 -14.17 3.70 -0.35
C ALA D 210 -15.25 2.68 -0.59
N ALA D 211 -16.33 3.09 -1.27
CA ALA D 211 -17.48 2.21 -1.48
C ALA D 211 -17.29 1.39 -2.72
N GLY D 212 -17.90 0.21 -2.67
CA GLY D 212 -18.16 -0.55 -3.89
C GLY D 212 -19.21 0.15 -4.76
N PRO D 213 -19.44 -0.36 -5.98
CA PRO D 213 -20.37 0.33 -6.87
C PRO D 213 -21.84 0.32 -6.41
N ILE D 214 -22.52 1.42 -6.72
CA ILE D 214 -23.94 1.61 -6.42
C ILE D 214 -24.65 2.22 -7.65
N ARG D 215 -25.79 1.65 -8.10
CA ARG D 215 -26.68 2.25 -9.14
C ARG D 215 -27.16 3.61 -8.67
N THR D 216 -26.46 4.63 -9.16
CA THR D 216 -26.78 6.01 -8.92
C THR D 216 -26.74 6.71 -10.28
N LEU D 217 -27.20 7.95 -10.25
CA LEU D 217 -27.21 8.75 -11.44
C LEU D 217 -25.83 8.84 -12.07
N ALA D 218 -24.81 9.10 -11.24
CA ALA D 218 -23.48 9.33 -11.77
C ALA D 218 -22.95 8.06 -12.39
N MET D 219 -23.31 6.90 -11.86
CA MET D 219 -22.87 5.66 -12.49
C MET D 219 -23.34 5.56 -13.93
N SER D 220 -24.62 5.89 -14.19
CA SER D 220 -25.05 6.02 -15.62
C SER D 220 -24.29 7.11 -16.40
N ALA D 221 -23.97 8.25 -15.77
CA ALA D 221 -23.14 9.25 -16.38
C ALA D 221 -21.69 8.86 -16.76
N ILE D 222 -21.23 7.64 -16.48
CA ILE D 222 -19.86 7.23 -16.86
C ILE D 222 -19.75 6.83 -18.34
N VAL D 223 -20.75 6.15 -18.89
CA VAL D 223 -20.89 6.07 -20.38
C VAL D 223 -22.10 6.93 -20.81
N GLY D 224 -23.34 6.54 -20.57
CA GLY D 224 -24.53 7.27 -21.10
C GLY D 224 -25.37 8.03 -20.06
N GLU D 229 -24.13 4.59 -23.12
CA GLU D 229 -24.87 3.36 -23.42
C GLU D 229 -23.99 2.28 -24.14
N GLU D 230 -23.59 2.53 -25.40
CA GLU D 230 -22.87 1.60 -26.31
C GLU D 230 -21.74 0.73 -25.78
N ALA D 231 -21.14 1.21 -24.69
CA ALA D 231 -20.12 0.52 -23.92
C ALA D 231 -20.70 -0.07 -22.59
N GLY D 232 -21.57 0.74 -21.99
CA GLY D 232 -22.21 0.54 -20.69
C GLY D 232 -22.86 -0.76 -20.27
N ALA D 233 -22.90 -1.78 -21.12
CA ALA D 233 -23.12 -3.13 -20.61
C ALA D 233 -21.80 -3.79 -20.14
N GLN D 234 -20.65 -3.32 -20.65
CA GLN D 234 -19.35 -3.83 -20.17
C GLN D 234 -18.88 -3.23 -18.84
N ILE D 235 -19.50 -2.13 -18.37
CA ILE D 235 -19.57 -1.83 -16.94
C ILE D 235 -19.83 -3.20 -16.25
N GLN D 236 -21.02 -3.79 -16.38
CA GLN D 236 -21.38 -5.05 -15.65
C GLN D 236 -20.31 -6.10 -15.35
N LEU D 237 -19.49 -6.51 -16.32
CA LEU D 237 -18.45 -7.57 -16.02
C LEU D 237 -17.45 -7.05 -14.99
N LEU D 238 -16.97 -5.83 -15.24
CA LEU D 238 -16.04 -5.17 -14.33
C LEU D 238 -16.62 -5.03 -12.91
N GLU D 239 -17.91 -4.77 -12.79
CA GLU D 239 -18.51 -4.68 -11.49
C GLU D 239 -18.73 -6.00 -10.83
N GLU D 240 -18.66 -7.10 -11.55
CA GLU D 240 -18.52 -8.40 -10.89
C GLU D 240 -17.04 -8.75 -10.56
N GLY D 241 -16.01 -7.97 -10.99
CA GLY D 241 -14.77 -7.69 -10.12
C GLY D 241 -14.92 -6.98 -8.71
N TRP D 242 -16.18 -6.95 -8.23
CA TRP D 242 -16.65 -6.76 -6.82
C TRP D 242 -17.51 -7.93 -6.30
N ASP D 243 -18.71 -8.17 -6.81
CA ASP D 243 -19.54 -9.22 -6.20
C ASP D 243 -18.80 -10.58 -6.12
N GLN D 244 -18.08 -10.94 -7.19
CA GLN D 244 -17.29 -12.21 -7.21
C GLN D 244 -16.22 -12.24 -6.17
N ARG D 245 -15.38 -11.20 -6.15
CA ARG D 245 -14.25 -11.13 -5.23
C ARG D 245 -14.68 -11.01 -3.75
N ALA D 246 -15.77 -10.29 -3.50
CA ALA D 246 -16.22 -9.98 -2.14
C ALA D 246 -16.56 -11.23 -1.34
N PRO D 247 -15.87 -11.47 -0.22
CA PRO D 247 -16.20 -12.69 0.49
C PRO D 247 -17.59 -12.72 1.08
N ILE D 248 -18.19 -11.55 1.30
CA ILE D 248 -19.58 -11.46 1.75
C ILE D 248 -20.48 -10.89 0.69
N GLY D 249 -19.98 -10.78 -0.56
CA GLY D 249 -20.75 -10.28 -1.69
C GLY D 249 -21.02 -8.78 -1.72
N TRP D 250 -21.53 -8.37 -2.86
CA TRP D 250 -21.81 -6.96 -3.09
C TRP D 250 -23.02 -6.79 -3.94
N ASN D 251 -23.86 -5.90 -3.46
CA ASN D 251 -25.12 -5.66 -4.11
C ASN D 251 -25.18 -4.23 -4.59
N MET D 252 -25.05 -4.00 -5.88
CA MET D 252 -25.02 -2.65 -6.40
C MET D 252 -26.31 -1.85 -6.17
N LYS D 253 -27.41 -2.50 -5.78
CA LYS D 253 -28.69 -1.78 -5.60
C LYS D 253 -28.94 -1.35 -4.16
N ASP D 254 -28.01 -1.70 -3.25
CA ASP D 254 -28.21 -1.50 -1.82
C ASP D 254 -27.13 -0.57 -1.27
N ALA D 255 -27.49 0.67 -1.06
CA ALA D 255 -26.57 1.60 -0.45
C ALA D 255 -26.55 1.55 1.09
N THR D 256 -27.45 0.78 1.72
CA THR D 256 -27.47 0.74 3.16
C THR D 256 -26.06 0.47 3.76
N PRO D 257 -25.38 -0.63 3.36
CA PRO D 257 -24.09 -0.93 3.93
C PRO D 257 -23.07 0.22 3.84
N VAL D 258 -23.07 0.94 2.74
CA VAL D 258 -22.23 2.12 2.62
C VAL D 258 -22.69 3.24 3.60
N ALA D 259 -23.98 3.51 3.62
CA ALA D 259 -24.48 4.56 4.49
C ALA D 259 -24.17 4.30 5.95
N LYS D 260 -24.25 3.04 6.35
CA LYS D 260 -23.97 2.65 7.73
C LYS D 260 -22.49 2.85 8.02
N THR D 261 -21.65 2.38 7.09
CA THR D 261 -20.22 2.55 7.23
C THR D 261 -19.89 4.04 7.44
N VAL D 262 -20.50 4.94 6.67
CA VAL D 262 -20.27 6.40 6.86
C VAL D 262 -20.74 6.88 8.25
N CYS D 263 -21.93 6.45 8.64
CA CYS D 263 -22.42 6.80 9.96
C CYS D 263 -21.48 6.34 11.08
N ALA D 264 -20.84 5.18 10.89
CA ALA D 264 -19.89 4.69 11.85
C ALA D 264 -18.80 5.72 12.03
N LEU D 265 -18.26 6.28 10.95
CA LEU D 265 -17.26 7.35 11.07
C LEU D 265 -17.78 8.67 11.66
N LEU D 266 -19.05 8.94 11.46
CA LEU D 266 -19.67 10.10 12.08
C LEU D 266 -19.87 9.90 13.58
N SER D 267 -19.98 8.65 13.98
CA SER D 267 -20.24 8.31 15.38
C SER D 267 -19.00 8.46 16.24
N ASP D 268 -19.20 8.24 17.54
CA ASP D 268 -18.11 8.21 18.48
C ASP D 268 -17.31 6.93 18.49
N TRP D 269 -17.59 5.98 17.59
CA TRP D 269 -17.05 4.61 17.71
C TRP D 269 -15.87 4.31 16.84
N LEU D 270 -15.38 5.31 16.10
CA LEU D 270 -14.09 5.20 15.43
C LEU D 270 -13.16 6.35 15.77
N PRO D 271 -13.00 6.62 17.04
CA PRO D 271 -12.38 7.85 17.48
C PRO D 271 -10.89 7.98 17.27
N ALA D 272 -10.24 6.93 16.78
CA ALA D 272 -8.79 7.02 16.62
C ALA D 272 -8.37 6.73 15.20
N THR D 273 -9.25 7.05 14.27
CA THR D 273 -9.01 6.85 12.86
C THR D 273 -9.16 8.19 12.12
N THR D 274 -8.07 8.75 11.58
CA THR D 274 -8.15 10.01 10.83
C THR D 274 -7.11 9.96 9.73
N GLY D 275 -7.36 10.68 8.65
CA GLY D 275 -6.49 10.73 7.45
C GLY D 275 -6.61 9.49 6.63
N ASP D 276 -7.65 8.71 6.88
CA ASP D 276 -7.61 7.29 6.51
C ASP D 276 -8.75 6.96 5.56
N ILE D 277 -8.75 5.70 5.11
CA ILE D 277 -9.71 5.19 4.16
C ILE D 277 -10.29 3.88 4.68
N ILE D 278 -11.61 3.82 4.70
CA ILE D 278 -12.35 2.62 5.12
C ILE D 278 -13.12 2.06 3.95
N TYR D 279 -12.87 0.78 3.69
CA TYR D 279 -13.41 0.13 2.54
C TYR D 279 -14.76 -0.51 2.94
N ALA D 280 -15.82 0.08 2.38
CA ALA D 280 -17.15 -0.54 2.39
C ALA D 280 -17.42 -1.15 1.00
N ASP D 281 -16.73 -2.26 0.72
CA ASP D 281 -16.77 -2.87 -0.57
C ASP D 281 -16.94 -4.38 -0.55
N GLY D 282 -17.55 -4.89 0.51
CA GLY D 282 -17.72 -6.33 0.70
C GLY D 282 -16.43 -7.11 0.77
N GLY D 283 -15.34 -6.41 1.04
CA GLY D 283 -14.02 -7.00 1.10
C GLY D 283 -13.34 -7.20 -0.25
N ALA D 284 -13.96 -6.73 -1.33
CA ALA D 284 -13.43 -7.02 -2.64
C ALA D 284 -11.99 -6.60 -2.85
N HIS D 285 -11.56 -5.48 -2.24
CA HIS D 285 -10.20 -5.03 -2.46
C HIS D 285 -9.12 -5.86 -1.81
N THR D 286 -9.53 -6.78 -0.92
CA THR D 286 -8.62 -7.71 -0.21
C THR D 286 -8.42 -9.03 -0.94
N GLN D 287 -9.12 -9.19 -2.07
CA GLN D 287 -9.11 -10.43 -2.80
C GLN D 287 -8.70 -10.18 -4.27
N LEU D 288 -7.77 -10.98 -4.77
CA LEU D 288 -7.37 -10.91 -6.18
C LEU D 288 -8.36 -11.68 -7.01
N LEU D 289 -8.84 -12.80 -6.46
CA LEU D 289 -9.97 -13.55 -6.90
C LEU D 289 -10.11 -14.69 -5.84
PA NAD E . -1.13 -8.76 26.89
O1A NAD E . 0.15 -9.32 27.41
O2A NAD E . -2.12 -7.91 27.73
O5B NAD E . -2.01 -9.89 26.27
C5B NAD E . -1.36 -10.90 25.49
C4B NAD E . -2.16 -12.15 25.67
O4B NAD E . -1.47 -13.23 25.01
C3B NAD E . -2.37 -12.63 27.12
O3B NAD E . -3.69 -12.37 27.59
C2B NAD E . -2.10 -14.14 27.05
O2B NAD E . -3.15 -14.89 27.65
C1B NAD E . -2.08 -14.37 25.54
N9A NAD E . -1.35 -15.54 25.12
C8A NAD E . -0.01 -15.80 25.09
N7A NAD E . 0.30 -17.02 24.73
C5A NAD E . -0.94 -17.61 24.50
C6A NAD E . -1.32 -18.91 24.09
N6A NAD E . -0.45 -19.90 23.85
N1A NAD E . -2.64 -19.16 23.98
C2A NAD E . -3.53 -18.19 24.26
N3A NAD E . -3.29 -16.93 24.65
C4A NAD E . -1.96 -16.71 24.74
O3 NAD E . -1.14 -7.82 25.69
PN NAD E . -1.90 -6.89 24.65
O1N NAD E . -1.09 -5.67 24.50
O2N NAD E . -3.30 -6.76 25.15
O5D NAD E . -1.72 -7.77 23.32
C5D NAD E . -2.93 -8.21 22.60
C4D NAD E . -2.85 -8.28 21.09
O4D NAD E . -2.68 -6.95 20.54
C3D NAD E . -1.68 -9.09 20.52
O3D NAD E . -2.05 -9.81 19.34
C2D NAD E . -0.61 -8.02 20.30
O2D NAD E . 0.29 -8.42 19.30
C1D NAD E . -1.52 -6.93 19.74
N1N NAD E . -1.01 -5.47 19.79
C2N NAD E . -0.43 -4.89 20.92
C3N NAD E . -0.33 -3.51 21.01
C7N NAD E . 0.17 -2.81 22.29
O7N NAD E . 0.61 -1.67 22.23
N7N NAD E . 0.08 -3.44 23.42
C4N NAD E . -0.77 -2.74 19.94
C5N NAD E . -1.30 -3.34 18.81
C6N NAD E . -1.40 -4.71 18.74
CL XTW F . 0.83 -9.41 23.00
CAS XTW F . 2.52 -9.48 22.31
CAE XTW F . 3.18 -10.66 22.17
CAC XTW F . 4.48 -10.67 21.64
CAD XTW F . 5.10 -9.50 21.26
CAF XTW F . 4.43 -8.30 21.39
CAV XTW F . 3.16 -8.30 21.91
OAP XTW F . 2.38 -7.22 22.09
CAU XTW F . 2.59 -6.00 21.57
CAQ XTW F . 2.57 -5.82 20.19
CAI XTW F . 2.74 -4.57 19.67
OAA XTW F . 2.42 -6.92 19.41
CAH XTW F . 2.73 -4.96 22.44
CAG XTW F . 2.90 -3.70 21.92
CAR XTW F . 2.91 -3.49 20.54
CAM XTW F . 3.10 -2.20 20.08
NAX XTW F . 4.55 -1.86 20.36
CAJ XTW F . 5.69 -2.45 19.92
NAO XTW F . 4.84 -0.91 21.09
NAN XTW F . 6.11 -0.82 21.20
CAT XTW F . 6.66 -1.77 20.46
CAW XTW F . 8.15 -1.90 20.32
CAK XTW F . 8.67 -0.84 19.38
CAL XTW F . 8.83 -2.27 19.01
PA NAD G . 11.14 -24.80 -8.78
O1A NAD G . 10.11 -25.77 -8.39
O2A NAD G . 11.64 -25.00 -10.21
O5B NAD G . 12.44 -24.82 -7.83
C5B NAD G . 12.12 -24.69 -6.43
C4B NAD G . 13.39 -24.95 -5.66
O4B NAD G . 13.12 -25.09 -4.26
C3B NAD G . 14.16 -26.23 -5.99
O3B NAD G . 14.97 -25.93 -7.11
C2B NAD G . 14.94 -26.53 -4.68
O2B NAD G . 16.37 -26.39 -4.71
C1B NAD G . 14.36 -25.49 -3.72
N9A NAD G . 14.19 -25.95 -2.36
C8A NAD G . 13.05 -26.33 -1.68
N7A NAD G . 13.23 -26.55 -0.41
C5A NAD G . 14.59 -26.33 -0.23
C6A NAD G . 15.40 -26.32 0.93
N6A NAD G . 15.01 -26.78 2.10
N1A NAD G . 16.67 -25.87 0.79
C2A NAD G . 17.10 -25.52 -0.43
N3A NAD G . 16.45 -25.57 -1.59
C4A NAD G . 15.19 -25.95 -1.42
O3 NAD G . 10.63 -23.38 -8.72
PN NAD G . 10.34 -21.83 -9.01
O1N NAD G . 8.94 -21.70 -9.50
O2N NAD G . 11.49 -21.35 -9.82
O5D NAD G . 10.35 -21.18 -7.55
C5D NAD G . 11.54 -20.67 -6.91
C4D NAD G . 11.22 -19.38 -6.20
O4D NAD G . 10.43 -18.56 -7.09
C3D NAD G . 10.38 -19.53 -4.93
O3D NAD G . 10.76 -18.62 -3.88
C2D NAD G . 8.96 -19.34 -5.47
O2D NAD G . 8.06 -18.75 -4.53
C1D NAD G . 9.30 -18.19 -6.42
N1N NAD G . 8.19 -17.84 -7.40
C2N NAD G . 7.77 -18.68 -8.38
C3N NAD G . 6.72 -18.28 -9.21
C7N NAD G . 6.25 -19.04 -10.42
O7N NAD G . 5.19 -18.69 -11.00
N7N NAD G . 7.00 -20.03 -10.87
C4N NAD G . 6.10 -17.05 -8.97
C5N NAD G . 6.57 -16.23 -7.97
C6N NAD G . 7.62 -16.62 -7.20
CL XTW H . 8.62 -22.90 -4.81
CAS XTW H . 7.03 -22.90 -4.39
CAE XTW H . 6.72 -23.61 -3.25
CAC XTW H . 5.42 -23.69 -2.81
CAD XTW H . 4.42 -23.06 -3.54
CAF XTW H . 4.69 -22.34 -4.68
CAV XTW H . 6.03 -22.26 -5.12
OAP XTW H . 6.42 -21.56 -6.25
CAU XTW H . 5.43 -20.87 -6.92
CAQ XTW H . 5.03 -19.67 -6.40
CAI XTW H . 4.01 -18.92 -7.01
OAA XTW H . 5.69 -19.26 -5.27
CAH XTW H . 4.80 -21.32 -8.07
CAG XTW H . 3.77 -20.58 -8.68
CAR XTW H . 3.36 -19.38 -8.15
CAM XTW H . 2.40 -18.60 -8.73
NAX XTW H . 1.14 -19.35 -8.92
CAJ XTW H . 0.20 -19.46 -7.98
NAO XTW H . 0.82 -19.86 -9.83
NAN XTW H . -0.23 -20.38 -9.74
CAT XTW H . -0.72 -20.16 -8.56
CAW XTW H . -2.01 -20.64 -7.99
CAK XTW H . -3.26 -19.99 -8.54
CAL XTW H . -2.78 -19.68 -7.14
PA NAD I . 14.43 21.41 -10.99
O1A NAD I . 13.93 22.78 -10.65
O2A NAD I . 15.89 21.11 -11.36
O5B NAD I . 13.64 20.89 -12.30
C5B NAD I . 12.23 21.18 -12.47
C4B NAD I . 12.09 21.46 -13.95
O4B NAD I . 10.71 21.70 -14.26
C3B NAD I . 12.87 22.69 -14.46
O3B NAD I . 13.81 22.28 -15.45
C2B NAD I . 11.76 23.63 -14.97
O2B NAD I . 12.18 24.44 -16.06
C1B NAD I . 10.72 22.58 -15.34
N9A NAD I . 9.37 23.05 -15.60
C8A NAD I . 8.53 23.81 -14.83
N7A NAD I . 7.42 24.17 -15.44
C5A NAD I . 7.55 23.61 -16.70
C6A NAD I . 6.76 23.71 -17.87
N6A NAD I . 5.68 24.47 -17.97
N1A NAD I . 7.19 23.03 -18.97
C2A NAD I . 8.32 22.32 -18.90
N3A NAD I . 9.17 22.19 -17.87
C4A NAD I . 8.73 22.88 -16.80
O3 NAD I . 14.33 20.18 -10.11
PN NAD I . 14.30 18.61 -9.82
O1N NAD I . 14.30 18.55 -8.35
O2N NAD I . 15.40 17.89 -10.50
O5D NAD I . 12.78 18.33 -10.34
C5D NAD I . 12.52 17.29 -11.31
C4D NAD I . 11.41 16.31 -10.97
O4D NAD I . 11.79 15.52 -9.82
C3D NAD I . 10.04 16.89 -10.64
O3D NAD I . 8.97 16.11 -11.21
C2D NAD I . 10.07 16.90 -9.11
O2D NAD I . 8.78 16.84 -8.52
C1D NAD I . 10.75 15.54 -8.91
N1N NAD I . 11.42 15.21 -7.60
C2N NAD I . 12.34 16.01 -6.98
C3N NAD I . 13.10 15.51 -5.95
C7N NAD I . 14.18 16.25 -5.24
O7N NAD I . 14.43 16.00 -4.08
N7N NAD I . 14.86 17.15 -5.93
C4N NAD I . 12.87 14.20 -5.53
C5N NAD I . 11.90 13.44 -6.13
C6N NAD I . 11.18 13.96 -7.16
CL XTW J . 10.16 20.35 -9.34
CAS XTW J . 9.22 20.66 -8.01
CAE XTW J . 8.13 21.46 -8.19
CAC XTW J . 7.27 21.76 -7.13
CAD XTW J . 7.55 21.25 -5.88
CAF XTW J . 8.66 20.44 -5.70
CAV XTW J . 9.49 20.16 -6.76
OAP XTW J . 10.58 19.40 -6.68
CAU XTW J . 10.91 18.73 -5.55
CAQ XTW J . 10.14 17.61 -5.17
CAI XTW J . 10.46 16.91 -4.02
OAA XTW J . 9.06 17.27 -5.92
CAH XTW J . 12.02 19.12 -4.82
CAG XTW J . 12.34 18.41 -3.67
CAR XTW J . 11.58 17.31 -3.27
CAM XTW J . 11.93 16.62 -2.11
NAX XTW J . 11.49 17.46 -0.92
CAJ XTW J . 10.27 17.68 -0.46
NAO XTW J . 12.30 18.09 -0.23
NAN XTW J . 11.75 18.70 0.64
CAT XTW J . 10.46 18.50 0.56
CAW XTW J . 9.43 19.11 1.50
CAK XTW J . 9.91 19.43 2.91
CAL XTW J . 8.97 18.27 2.68
PA NAD K . -24.71 11.19 -7.63
O1A NAD K . -24.73 11.58 -9.06
O2A NAD K . -26.00 10.71 -6.92
O5B NAD K . -24.28 12.39 -6.70
C5B NAD K . -23.28 13.30 -7.16
C4B NAD K . -23.53 14.60 -6.46
O4B NAD K . -22.47 15.54 -6.74
C3B NAD K . -24.85 15.32 -6.81
O3B NAD K . -25.55 15.65 -5.62
C2B NAD K . -24.37 16.60 -7.50
O2B NAD K . -25.18 17.75 -7.35
C1B NAD K . -23.08 16.81 -6.75
N9A NAD K . -22.20 17.79 -7.35
C8A NAD K . -21.67 17.79 -8.62
N7A NAD K . -21.04 18.90 -8.93
C5A NAD K . -21.16 19.67 -7.78
C6A NAD K . -20.71 20.97 -7.47
N6A NAD K . -20.04 21.75 -8.31
N1A NAD K . -21.01 21.45 -6.23
C2A NAD K . -21.68 20.67 -5.38
N3A NAD K . -22.15 19.44 -5.57
C4A NAD K . -21.86 18.99 -6.80
O3 NAD K . -23.91 10.00 -7.26
PN NAD K . -23.18 9.04 -6.24
O1N NAD K . -22.76 7.81 -6.95
O2N NAD K . -24.05 8.95 -5.04
O5D NAD K . -21.85 9.87 -5.96
C5D NAD K . -21.59 10.72 -4.82
C4D NAD K . -20.18 10.50 -4.35
O4D NAD K . -19.95 9.08 -4.18
C3D NAD K . -19.09 10.92 -5.34
O3D NAD K . -17.96 11.48 -4.68
C2D NAD K . -18.78 9.60 -6.05
O2D NAD K . -17.49 9.48 -6.60
C1D NAD K . -18.76 8.73 -4.77
N1N NAD K . -18.74 7.24 -5.03
C2N NAD K . -19.80 6.67 -5.68
C3N NAD K . -19.82 5.30 -5.91
C7N NAD K . -20.96 4.65 -6.70
O7N NAD K . -20.81 3.50 -7.18
N7N NAD K . -22.09 5.33 -6.85
C4N NAD K . -18.75 4.53 -5.46
C5N NAD K . -17.68 5.14 -4.81
C6N NAD K . -17.69 6.50 -4.61
CL XTW L . -20.13 11.56 -8.74
CAS XTW L . -19.20 10.85 -9.97
CAE XTW L . -18.68 11.72 -10.93
CAC XTW L . -17.92 11.23 -11.97
CAD XTW L . -17.66 9.89 -12.06
CAF XTW L . -18.16 9.01 -11.12
CAV XTW L . -18.94 9.47 -10.05
OAP XTW L . -19.48 8.66 -9.07
CAU XTW L . -19.21 7.31 -9.18
CAQ XTW L . -17.96 6.83 -8.75
CAI XTW L . -17.62 5.48 -8.86
OAA XTW L . -17.10 7.75 -8.25
CAH XTW L . -20.13 6.40 -9.69
CAG XTW L . -19.80 5.04 -9.80
CAR XTW L . -18.55 4.56 -9.39
CAM XTW L . -18.23 3.19 -9.46
NAX XTW L . -18.09 2.86 -10.89
CAJ XTW L . -16.99 2.66 -11.60
NAO XTW L . -18.99 2.75 -11.58
NAN XTW L . -18.75 2.50 -12.68
CAT XTW L . -17.45 2.43 -12.79
CAW XTW L . -16.71 2.12 -14.07
CAK XTW L . -16.37 0.65 -14.23
CAL XTW L . -15.27 1.66 -14.02
#